data_2YCT
#
_entry.id   2YCT
#
_cell.length_a   133.993
_cell.length_b   143.770
_cell.length_c   60.081
_cell.angle_alpha   90.00
_cell.angle_beta   90.00
_cell.angle_gamma   90.00
#
_symmetry.space_group_name_H-M   'P 21 21 2'
#
loop_
_entity.id
_entity.type
_entity.pdbx_description
1 polymer 'TYROSINE PHENOL-LYASE'
2 non-polymer "PYRIDOXAL-5'-PHOSPHATE"
3 non-polymer '(2E)-2-{[(Z)-{3-HYDROXY-2-METHYL-5-[(PHOSPHONOOXY)METHYL]PYRIDIN-4(1H)-YLIDENE}METHYL]IMINO}PROPANOIC ACID'
4 non-polymer 'POTASSIUM ION'
5 non-polymer PYRIDINE-N-OXIDE
6 non-polymer 'PHOSPHATE ION'
7 non-polymer 3,6,9,12,15,18-HEXAOXAICOSANE-1,20-DIOL
8 water water
#
_entity_poly.entity_id   1
_entity_poly.type   'polypeptide(L)'
_entity_poly.pdbx_seq_one_letter_code
;MNYPAEPFRIKSVETVSMIPRDERLKKMQEAGYNTFLLNSKDIYIDLLTDSGTNAMSDKQWAGMMMGDEAYAGSENFYHL
ERTVQELFGFKHIVPTHQGRGAENLLSQLAIKPGQYVAGNMYFTTTRYHQEKNGAVFVDIVRDEAHDAGLNIAFKGDIDL
KKLQKLIDEKGAENIAYICLAVTVNLAGGQPVSMANMRAVRELTEAHGIKVFYDATRCVENAYFIKEQEQGFENKSIAEI
VHEMFSYADGCTMSGKKDCLVNIGGFLCMNDDEMFSSAKELVVVYEGMPSYGGLAGRDMEAMAIGLREAMQYEYIEHRVK
QVRYLGDKLKAAGVPIVEPVGGHAVFLDARRFCEHLTQDEFPAQSLAASIYVETGVRSMERGIISAGRNNVTGEHHRPKL
ETVRLTIPRRVYTYAHMDVVADGIIKLYQHKEDIRGLKFIYEPKQLRFFTARFDYI
;
_entity_poly.pdbx_strand_id   A,B
#
# COMPACT_ATOMS: atom_id res chain seq x y z
N ASN A 2 -19.05 -10.10 32.90
CA ASN A 2 -20.14 -9.09 32.67
C ASN A 2 -19.55 -7.92 31.94
N TYR A 3 -19.03 -6.93 32.66
CA TYR A 3 -18.21 -5.96 31.96
C TYR A 3 -16.82 -5.76 32.59
N PRO A 4 -15.82 -6.48 32.09
CA PRO A 4 -14.48 -6.36 32.67
C PRO A 4 -13.87 -4.98 32.43
N ALA A 5 -12.93 -4.61 33.30
CA ALA A 5 -12.16 -3.38 33.16
C ALA A 5 -11.12 -3.56 32.07
N GLU A 6 -10.52 -2.48 31.57
CA GLU A 6 -9.50 -2.60 30.54
C GLU A 6 -8.31 -3.45 31.07
N PRO A 7 -7.92 -4.49 30.31
CA PRO A 7 -6.80 -5.35 30.73
C PRO A 7 -5.47 -4.74 30.25
N PHE A 8 -5.29 -3.45 30.52
CA PHE A 8 -4.09 -2.72 30.15
C PHE A 8 -4.19 -1.36 30.86
N ARG A 9 -3.11 -0.60 30.88
CA ARG A 9 -3.15 0.76 31.42
C ARG A 9 -3.03 1.72 30.24
N ILE A 10 -3.29 2.98 30.48
CA ILE A 10 -3.07 3.95 29.44
C ILE A 10 -1.59 4.37 29.47
N LYS A 11 -0.88 4.24 28.33
CA LYS A 11 0.52 4.71 28.21
C LYS A 11 0.64 6.14 27.68
N SER A 12 -0.18 6.51 26.69
CA SER A 12 -0.23 7.88 26.25
C SER A 12 -1.62 8.24 25.75
N VAL A 13 -1.92 9.54 25.71
CA VAL A 13 -3.26 10.00 25.34
C VAL A 13 -3.24 10.98 24.15
N GLU A 14 -4.41 11.17 23.53
CA GLU A 14 -4.56 12.30 22.58
C GLU A 14 -5.82 13.06 22.91
N THR A 15 -5.80 14.38 22.83
CA THR A 15 -6.96 15.18 23.31
C THR A 15 -8.23 14.97 22.43
N VAL A 16 -9.43 15.05 23.02
CA VAL A 16 -10.68 15.12 22.24
C VAL A 16 -11.52 16.30 22.68
N SER A 17 -12.19 16.94 21.73
CA SER A 17 -13.05 18.08 22.01
C SER A 17 -14.30 18.09 21.14
N MET A 18 -15.29 18.84 21.58
CA MET A 18 -16.49 19.04 20.79
C MET A 18 -16.66 20.52 20.43
N ILE A 19 -17.02 20.75 19.16
CA ILE A 19 -17.43 22.06 18.63
C ILE A 19 -18.98 22.27 18.70
N PRO A 20 -19.44 23.53 18.73
CA PRO A 20 -20.87 23.75 18.91
C PRO A 20 -21.74 23.10 17.82
N ARG A 21 -23.00 22.87 18.17
CA ARG A 21 -23.96 22.30 17.24
C ARG A 21 -24.05 23.06 15.91
N ASP A 22 -24.08 24.38 15.95
CA ASP A 22 -24.16 25.09 14.68
C ASP A 22 -22.89 25.03 13.84
N GLU A 23 -21.75 24.78 14.46
CA GLU A 23 -20.54 24.58 13.69
C GLU A 23 -20.66 23.25 12.95
N ARG A 24 -21.09 22.23 13.69
CA ARG A 24 -21.38 20.90 13.18
C ARG A 24 -22.43 20.92 12.06
N LEU A 25 -23.45 21.77 12.24
CA LEU A 25 -24.49 21.94 11.21
C LEU A 25 -23.80 22.39 9.92
N LYS A 26 -23.03 23.47 10.00
CA LYS A 26 -22.23 23.97 8.88
C LYS A 26 -21.43 22.84 8.23
N LYS A 27 -20.57 22.21 9.01
CA LYS A 27 -19.72 21.10 8.57
C LYS A 27 -20.46 19.95 7.89
N MET A 28 -21.67 19.59 8.39
CA MET A 28 -22.42 18.47 7.79
C MET A 28 -22.90 18.81 6.39
N GLN A 29 -23.31 20.05 6.17
CA GLN A 29 -23.71 20.41 4.82
C GLN A 29 -22.50 20.63 3.92
N GLU A 30 -21.42 21.18 4.47
CA GLU A 30 -20.18 21.31 3.68
C GLU A 30 -19.74 19.93 3.16
N ALA A 31 -20.01 18.88 3.94
CA ALA A 31 -19.61 17.49 3.59
C ALA A 31 -20.68 16.75 2.76
N GLY A 32 -21.65 17.49 2.23
CA GLY A 32 -22.69 16.90 1.38
C GLY A 32 -23.46 15.81 2.12
N TYR A 33 -23.60 15.98 3.44
CA TYR A 33 -24.33 15.05 4.33
C TYR A 33 -23.78 13.62 4.30
N ASN A 34 -22.51 13.49 3.91
CA ASN A 34 -21.82 12.21 3.94
C ASN A 34 -20.84 12.25 5.08
N THR A 35 -21.03 11.43 6.11
CA THR A 35 -20.06 11.43 7.24
C THR A 35 -18.61 11.16 6.82
N PHE A 36 -18.39 10.39 5.75
CA PHE A 36 -17.02 10.13 5.24
C PHE A 36 -16.29 11.42 4.88
N LEU A 37 -17.03 12.47 4.64
CA LEU A 37 -16.39 13.71 4.10
C LEU A 37 -16.14 14.77 5.20
N LEU A 38 -16.53 14.47 6.45
CA LEU A 38 -16.10 15.34 7.57
C LEU A 38 -14.58 15.19 7.88
N ASN A 39 -14.01 16.27 8.44
CA ASN A 39 -12.62 16.35 8.85
C ASN A 39 -12.43 15.78 10.25
N SER A 40 -11.28 15.15 10.47
CA SER A 40 -10.99 14.45 11.73
C SER A 40 -11.04 15.40 12.92
N LYS A 41 -10.56 16.60 12.70
CA LYS A 41 -10.44 17.51 13.82
C LYS A 41 -11.82 18.09 14.24
N ASP A 42 -12.86 17.89 13.42
CA ASP A 42 -14.22 18.41 13.70
C ASP A 42 -15.14 17.34 14.30
N ILE A 43 -14.52 16.25 14.71
CA ILE A 43 -15.21 15.10 15.29
C ILE A 43 -14.77 14.89 16.73
N TYR A 44 -15.74 14.73 17.61
CA TYR A 44 -15.49 14.55 19.03
C TYR A 44 -15.13 13.07 19.38
N ILE A 45 -15.98 12.13 19.00
CA ILE A 45 -15.68 10.69 19.21
C ILE A 45 -15.86 10.00 17.86
N ASP A 46 -14.81 9.37 17.35
CA ASP A 46 -14.83 8.98 15.93
C ASP A 46 -15.09 7.49 15.75
N LEU A 47 -16.35 7.13 15.45
CA LEU A 47 -16.74 5.72 15.37
C LEU A 47 -17.07 5.34 13.94
N LEU A 48 -16.45 6.05 13.00
CA LEU A 48 -16.62 5.79 11.57
C LEU A 48 -16.23 4.35 11.31
N THR A 49 -15.08 3.96 11.85
CA THR A 49 -14.56 2.62 11.58
C THR A 49 -13.51 2.18 12.57
N ASP A 50 -13.41 0.86 12.72
CA ASP A 50 -12.39 0.23 13.56
C ASP A 50 -11.19 -0.14 12.71
N SER A 51 -11.15 0.35 11.49
CA SER A 51 -10.07 -0.02 10.58
C SER A 51 -8.96 0.99 10.65
N GLY A 52 -7.80 0.56 11.17
CA GLY A 52 -6.61 1.42 11.15
C GLY A 52 -6.58 2.49 12.21
N THR A 53 -7.56 2.45 13.11
CA THR A 53 -7.71 3.51 14.13
C THR A 53 -7.37 2.99 15.56
N ASN A 54 -6.81 1.79 15.62
CA ASN A 54 -6.47 1.12 16.90
C ASN A 54 -5.31 1.80 17.63
N ALA A 55 -5.33 1.74 18.95
CA ALA A 55 -4.17 2.13 19.76
C ALA A 55 -3.17 0.97 19.85
N MET A 56 -1.92 1.21 19.50
CA MET A 56 -0.86 0.21 19.64
C MET A 56 -0.33 0.15 21.08
N SER A 57 0.38 -0.94 21.42
CA SER A 57 0.97 -1.06 22.74
C SER A 57 2.42 -0.55 22.82
N ASP A 58 2.92 -0.48 24.04
CA ASP A 58 4.30 -0.16 24.30
C ASP A 58 5.22 -1.12 23.55
N LYS A 59 4.90 -2.41 23.51
CA LYS A 59 5.73 -3.38 22.75
C LYS A 59 5.72 -3.14 21.24
N GLN A 60 4.55 -2.85 20.68
CA GLN A 60 4.51 -2.55 19.28
C GLN A 60 5.33 -1.29 18.99
N TRP A 61 5.20 -0.26 19.82
CA TRP A 61 5.99 0.94 19.61
C TRP A 61 7.48 0.69 19.79
N ALA A 62 7.87 -0.21 20.69
CA ALA A 62 9.26 -0.66 20.72
C ALA A 62 9.65 -1.32 19.37
N GLY A 63 8.76 -2.13 18.81
CA GLY A 63 8.99 -2.68 17.46
C GLY A 63 9.12 -1.58 16.41
N MET A 64 8.38 -0.50 16.58
CA MET A 64 8.45 0.60 15.60
C MET A 64 9.82 1.30 15.53
N MET A 65 10.62 1.16 16.59
CA MET A 65 11.95 1.77 16.66
C MET A 65 12.97 0.84 16.04
N MET A 66 12.57 -0.40 15.73
CA MET A 66 13.50 -1.41 15.20
C MET A 66 13.11 -1.72 13.76
N GLY A 67 12.62 -0.69 13.07
CA GLY A 67 12.28 -0.84 11.65
C GLY A 67 13.53 -1.13 10.84
N ASP A 68 13.61 -2.35 10.30
CA ASP A 68 14.71 -2.73 9.37
C ASP A 68 14.18 -2.46 7.94
N GLU A 69 14.63 -1.36 7.34
CA GLU A 69 13.95 -0.87 6.14
C GLU A 69 14.49 -1.45 4.86
N ALA A 70 15.29 -2.49 4.97
CA ALA A 70 15.88 -3.08 3.77
C ALA A 70 14.84 -3.56 2.78
N TYR A 71 15.20 -3.48 1.50
CA TYR A 71 14.29 -3.81 0.42
C TYR A 71 13.95 -5.31 0.35
N ALA A 72 14.91 -6.16 0.75
CA ALA A 72 14.68 -7.61 0.83
C ALA A 72 15.43 -8.12 2.04
N GLY A 73 14.95 -9.19 2.65
CA GLY A 73 15.67 -9.80 3.77
C GLY A 73 15.52 -9.05 5.09
N SER A 74 14.56 -8.16 5.20
CA SER A 74 14.34 -7.46 6.48
C SER A 74 13.94 -8.38 7.64
N GLU A 75 14.56 -8.18 8.81
CA GLU A 75 14.17 -8.90 10.03
C GLU A 75 12.66 -8.78 10.30
N ASN A 76 12.09 -7.63 9.99
CA ASN A 76 10.65 -7.41 10.20
C ASN A 76 9.78 -8.32 9.32
N PHE A 77 10.21 -8.54 8.08
CA PHE A 77 9.46 -9.43 7.21
C PHE A 77 9.57 -10.86 7.74
N TYR A 78 10.76 -11.26 8.20
CA TYR A 78 10.92 -12.62 8.69
C TYR A 78 10.05 -12.84 9.93
N HIS A 79 9.96 -11.85 10.81
N HIS A 79 10.00 -11.85 10.83
CA HIS A 79 9.16 -11.98 12.03
CA HIS A 79 9.16 -11.89 12.05
C HIS A 79 7.67 -12.08 11.70
C HIS A 79 7.70 -12.10 11.66
N LEU A 80 7.20 -11.24 10.78
CA LEU A 80 5.80 -11.30 10.34
C LEU A 80 5.50 -12.69 9.74
N GLU A 81 6.38 -13.14 8.84
CA GLU A 81 6.21 -14.39 8.12
C GLU A 81 6.10 -15.57 9.08
N ARG A 82 7.06 -15.71 9.98
CA ARG A 82 6.93 -16.81 10.92
C ARG A 82 5.76 -16.71 11.91
N THR A 83 5.39 -15.51 12.34
CA THR A 83 4.23 -15.34 13.24
C THR A 83 2.97 -15.82 12.55
N VAL A 84 2.78 -15.40 11.31
CA VAL A 84 1.58 -15.78 10.57
C VAL A 84 1.60 -17.28 10.24
N GLN A 85 2.73 -17.83 9.80
CA GLN A 85 2.84 -19.29 9.63
C GLN A 85 2.47 -20.02 10.93
N GLU A 86 2.98 -19.53 12.05
CA GLU A 86 2.74 -20.21 13.33
C GLU A 86 1.29 -20.12 13.76
N LEU A 87 0.75 -18.92 13.74
CA LEU A 87 -0.58 -18.67 14.30
C LEU A 87 -1.72 -19.11 13.38
N PHE A 88 -1.57 -18.96 12.06
CA PHE A 88 -2.67 -19.25 11.12
C PHE A 88 -2.48 -20.62 10.47
N GLY A 89 -1.24 -21.08 10.40
CA GLY A 89 -0.96 -22.39 9.89
C GLY A 89 -0.81 -22.48 8.38
N PHE A 90 -0.75 -21.36 7.67
CA PHE A 90 -0.64 -21.43 6.20
C PHE A 90 0.82 -21.55 5.80
N LYS A 91 1.09 -22.16 4.64
CA LYS A 91 2.45 -22.35 4.15
C LYS A 91 3.15 -21.04 3.74
N HIS A 92 2.45 -20.16 3.02
CA HIS A 92 3.08 -18.99 2.41
C HIS A 92 2.34 -17.70 2.74
N ILE A 93 3.09 -16.61 2.84
CA ILE A 93 2.50 -15.28 3.04
C ILE A 93 3.07 -14.22 2.06
N VAL A 94 2.19 -13.36 1.54
CA VAL A 94 2.58 -12.21 0.72
C VAL A 94 2.00 -10.96 1.39
N PRO A 95 2.86 -10.10 1.96
CA PRO A 95 2.38 -8.85 2.59
C PRO A 95 1.76 -7.91 1.57
N THR A 96 0.76 -7.14 1.99
CA THR A 96 0.14 -6.11 1.14
C THR A 96 -0.11 -4.88 2.02
N HIS A 97 -0.37 -3.72 1.45
CA HIS A 97 -0.37 -2.52 2.31
C HIS A 97 -1.63 -2.49 3.17
N GLN A 98 -2.70 -3.10 2.67
CA GLN A 98 -3.90 -3.37 3.47
C GLN A 98 -4.81 -4.43 2.79
N GLY A 99 -6.02 -4.61 3.31
CA GLY A 99 -6.90 -5.67 2.84
C GLY A 99 -7.20 -5.68 1.35
N ARG A 100 -7.61 -4.54 0.78
CA ARG A 100 -8.08 -4.56 -0.60
C ARG A 100 -6.92 -4.81 -1.56
N GLY A 101 -5.69 -4.59 -1.09
CA GLY A 101 -4.52 -5.01 -1.86
C GLY A 101 -4.47 -6.51 -2.04
N ALA A 102 -4.69 -7.26 -0.94
CA ALA A 102 -4.77 -8.74 -1.01
C ALA A 102 -5.99 -9.21 -1.80
N GLU A 103 -7.11 -8.50 -1.72
CA GLU A 103 -8.31 -8.88 -2.48
C GLU A 103 -8.04 -8.71 -3.97
N ASN A 104 -7.36 -7.63 -4.32
CA ASN A 104 -6.95 -7.38 -5.72
C ASN A 104 -6.12 -8.57 -6.23
N LEU A 105 -5.13 -9.01 -5.45
CA LEU A 105 -4.32 -10.18 -5.82
C LEU A 105 -5.18 -11.46 -5.94
N LEU A 106 -5.94 -11.80 -4.90
CA LEU A 106 -6.74 -13.03 -4.91
C LEU A 106 -7.66 -13.10 -6.13
N SER A 107 -8.36 -12.00 -6.41
CA SER A 107 -9.37 -11.99 -7.46
C SER A 107 -8.75 -12.16 -8.84
N GLN A 108 -7.56 -11.59 -9.03
CA GLN A 108 -6.87 -11.69 -10.30
C GLN A 108 -6.30 -13.08 -10.42
N LEU A 109 -5.87 -13.67 -9.30
CA LEU A 109 -5.25 -14.99 -9.35
C LEU A 109 -6.26 -16.10 -9.54
N ALA A 110 -7.40 -16.01 -8.87
CA ALA A 110 -8.27 -17.18 -8.71
C ALA A 110 -9.58 -17.15 -9.47
N ILE A 111 -9.82 -16.12 -10.28
CA ILE A 111 -11.09 -16.02 -11.00
C ILE A 111 -10.90 -16.03 -12.50
N LYS A 112 -11.62 -16.94 -13.17
CA LYS A 112 -11.78 -16.90 -14.62
C LYS A 112 -13.14 -16.27 -14.94
N PRO A 113 -13.17 -15.38 -15.95
CA PRO A 113 -14.43 -14.68 -16.28
C PRO A 113 -15.58 -15.65 -16.55
N GLY A 114 -16.76 -15.30 -16.06
CA GLY A 114 -17.90 -16.21 -16.17
C GLY A 114 -18.14 -17.05 -14.92
N GLN A 115 -17.13 -17.18 -14.05
CA GLN A 115 -17.22 -18.03 -12.86
C GLN A 115 -17.96 -17.35 -11.71
N TYR A 116 -18.42 -18.14 -10.76
CA TYR A 116 -19.13 -17.62 -9.58
C TYR A 116 -18.23 -17.60 -8.34
N VAL A 117 -18.33 -16.56 -7.51
CA VAL A 117 -17.75 -16.59 -6.18
C VAL A 117 -18.89 -16.58 -5.19
N ALA A 118 -18.83 -17.44 -4.19
CA ALA A 118 -19.93 -17.52 -3.22
C ALA A 118 -19.42 -17.22 -1.82
N GLY A 119 -20.16 -16.42 -1.08
CA GLY A 119 -19.70 -15.93 0.20
C GLY A 119 -20.80 -15.83 1.24
N ASN A 120 -20.41 -15.74 2.51
CA ASN A 120 -21.40 -15.53 3.56
C ASN A 120 -21.70 -14.03 3.68
N MET A 121 -22.53 -13.53 2.76
CA MET A 121 -22.87 -12.11 2.62
C MET A 121 -21.75 -11.33 1.90
N TYR A 122 -22.13 -10.29 1.17
CA TYR A 122 -21.15 -9.51 0.40
C TYR A 122 -20.36 -8.55 1.30
N PHE A 123 -19.18 -8.13 0.84
CA PHE A 123 -18.57 -6.90 1.35
C PHE A 123 -18.23 -5.95 0.17
N THR A 124 -18.15 -4.64 0.46
CA THR A 124 -17.99 -3.62 -0.60
C THR A 124 -16.75 -3.80 -1.50
N THR A 125 -15.57 -3.72 -0.91
CA THR A 125 -14.35 -3.82 -1.72
C THR A 125 -14.19 -5.24 -2.29
N THR A 126 -14.51 -6.23 -1.47
CA THR A 126 -14.46 -7.64 -1.88
C THR A 126 -15.34 -7.88 -3.13
N ARG A 127 -16.61 -7.47 -3.09
CA ARG A 127 -17.51 -7.72 -4.21
C ARG A 127 -17.05 -6.91 -5.43
N TYR A 128 -16.55 -5.71 -5.20
CA TYR A 128 -16.09 -4.95 -6.33
C TYR A 128 -14.92 -5.65 -7.07
N HIS A 129 -13.93 -6.14 -6.32
CA HIS A 129 -12.80 -6.87 -6.91
C HIS A 129 -13.19 -8.23 -7.56
N GLN A 130 -14.19 -8.91 -7.00
CA GLN A 130 -14.74 -10.10 -7.62
C GLN A 130 -15.35 -9.76 -8.99
N GLU A 131 -16.19 -8.73 -9.00
CA GLU A 131 -16.96 -8.40 -10.18
C GLU A 131 -16.11 -7.78 -11.30
N LYS A 132 -15.10 -6.98 -10.95
CA LYS A 132 -14.28 -6.36 -11.99
C LYS A 132 -13.34 -7.39 -12.67
N ASN A 133 -13.13 -8.52 -12.01
CA ASN A 133 -12.40 -9.64 -12.62
C ASN A 133 -13.28 -10.68 -13.29
N GLY A 134 -14.57 -10.37 -13.44
CA GLY A 134 -15.48 -11.16 -14.27
C GLY A 134 -16.32 -12.20 -13.55
N ALA A 135 -16.41 -12.09 -12.23
CA ALA A 135 -17.20 -13.03 -11.40
C ALA A 135 -18.60 -12.53 -11.05
N VAL A 136 -19.53 -13.45 -10.92
CA VAL A 136 -20.84 -13.17 -10.33
C VAL A 136 -20.79 -13.53 -8.83
N PHE A 137 -21.09 -12.57 -7.96
CA PHE A 137 -21.20 -12.87 -6.52
C PHE A 137 -22.51 -13.57 -6.15
N VAL A 138 -22.41 -14.66 -5.40
CA VAL A 138 -23.60 -15.39 -4.91
C VAL A 138 -23.57 -15.42 -3.39
N ASP A 139 -24.64 -14.94 -2.76
CA ASP A 139 -24.73 -14.93 -1.31
C ASP A 139 -25.25 -16.27 -0.81
N ILE A 140 -24.46 -16.98 0.00
CA ILE A 140 -24.90 -18.23 0.55
C ILE A 140 -24.95 -18.22 2.09
N VAL A 141 -25.02 -17.02 2.67
CA VAL A 141 -25.24 -16.92 4.11
C VAL A 141 -26.68 -17.32 4.35
N ARG A 142 -27.00 -17.88 5.51
CA ARG A 142 -28.41 -18.20 5.72
C ARG A 142 -29.31 -16.97 5.85
N ASP A 143 -30.57 -17.12 5.45
CA ASP A 143 -31.54 -16.03 5.39
C ASP A 143 -31.57 -15.22 6.67
N GLU A 144 -31.41 -15.90 7.81
CA GLU A 144 -31.60 -15.26 9.09
C GLU A 144 -30.61 -14.15 9.31
N ALA A 145 -29.47 -14.22 8.61
CA ALA A 145 -28.44 -13.20 8.77
C ALA A 145 -28.88 -11.83 8.30
N HIS A 146 -29.87 -11.81 7.42
CA HIS A 146 -30.43 -10.55 6.92
C HIS A 146 -31.59 -10.02 7.76
N ASP A 147 -31.95 -10.72 8.82
N ASP A 147 -31.91 -10.71 8.85
CA ASP A 147 -33.03 -10.24 9.69
CA ASP A 147 -32.99 -10.29 9.75
C ASP A 147 -32.41 -9.54 10.89
C ASP A 147 -32.39 -9.54 10.93
N ALA A 148 -32.40 -8.21 10.86
CA ALA A 148 -31.68 -7.38 11.85
C ALA A 148 -31.97 -7.73 13.31
N GLY A 149 -33.25 -7.88 13.65
CA GLY A 149 -33.64 -7.97 15.05
C GLY A 149 -33.62 -9.39 15.57
N LEU A 150 -33.46 -10.36 14.67
CA LEU A 150 -33.48 -11.80 15.03
C LEU A 150 -32.23 -12.22 15.82
N ASN A 151 -32.40 -12.50 17.10
CA ASN A 151 -31.27 -12.83 17.95
C ASN A 151 -30.91 -14.32 17.96
N ILE A 152 -30.09 -14.75 16.99
CA ILE A 152 -29.56 -16.10 17.01
C ILE A 152 -28.04 -16.14 16.95
N ALA A 153 -27.47 -17.18 17.51
CA ALA A 153 -26.05 -17.34 17.58
C ALA A 153 -25.48 -17.69 16.20
N PHE A 154 -24.22 -17.31 15.94
CA PHE A 154 -23.48 -17.67 14.70
C PHE A 154 -24.23 -17.34 13.41
N LYS A 155 -24.70 -16.09 13.33
CA LYS A 155 -25.48 -15.61 12.22
C LYS A 155 -24.65 -15.56 10.95
N GLY A 156 -23.32 -15.61 11.10
CA GLY A 156 -22.43 -15.53 9.96
C GLY A 156 -22.32 -16.86 9.20
N ASP A 157 -22.91 -17.93 9.73
CA ASP A 157 -22.76 -19.27 9.13
C ASP A 157 -23.31 -19.37 7.70
N ILE A 158 -22.56 -20.07 6.86
CA ILE A 158 -22.99 -20.38 5.52
C ILE A 158 -24.15 -21.39 5.57
N ASP A 159 -25.13 -21.21 4.69
CA ASP A 159 -26.20 -22.21 4.53
C ASP A 159 -25.74 -23.33 3.61
N LEU A 160 -25.54 -24.52 4.18
CA LEU A 160 -24.97 -25.64 3.42
C LEU A 160 -25.90 -26.05 2.29
N LYS A 161 -27.20 -25.92 2.56
CA LYS A 161 -28.19 -26.25 1.56
C LYS A 161 -27.97 -25.34 0.35
N LYS A 162 -27.72 -24.05 0.60
CA LYS A 162 -27.52 -23.09 -0.48
C LYS A 162 -26.23 -23.36 -1.26
N LEU A 163 -25.18 -23.79 -0.56
CA LEU A 163 -23.94 -24.12 -1.23
C LEU A 163 -24.11 -25.34 -2.13
N GLN A 164 -24.83 -26.35 -1.62
CA GLN A 164 -25.14 -27.55 -2.38
C GLN A 164 -25.95 -27.18 -3.63
N LYS A 165 -26.92 -26.30 -3.46
CA LYS A 165 -27.73 -25.86 -4.58
C LYS A 165 -26.84 -25.22 -5.65
N LEU A 166 -26.00 -24.27 -5.23
CA LEU A 166 -25.09 -23.61 -6.15
C LEU A 166 -24.26 -24.62 -6.95
N ILE A 167 -23.78 -25.67 -6.28
CA ILE A 167 -22.96 -26.67 -6.94
C ILE A 167 -23.76 -27.47 -7.98
N ASP A 168 -24.97 -27.89 -7.62
CA ASP A 168 -25.83 -28.63 -8.54
C ASP A 168 -26.21 -27.76 -9.73
N GLU A 169 -26.61 -26.53 -9.48
CA GLU A 169 -27.08 -25.68 -10.56
C GLU A 169 -25.97 -25.20 -11.49
N LYS A 170 -24.81 -24.83 -10.92
CA LYS A 170 -23.75 -24.23 -11.73
C LYS A 170 -22.61 -25.20 -12.13
N GLY A 171 -22.38 -26.24 -11.34
CA GLY A 171 -21.27 -27.15 -11.61
C GLY A 171 -20.03 -26.64 -10.90
N ALA A 172 -19.33 -27.54 -10.21
CA ALA A 172 -18.22 -27.15 -9.34
C ALA A 172 -17.10 -26.43 -10.09
N GLU A 173 -16.90 -26.77 -11.36
CA GLU A 173 -15.79 -26.15 -12.07
C GLU A 173 -16.08 -24.69 -12.47
N ASN A 174 -17.33 -24.25 -12.36
CA ASN A 174 -17.66 -22.86 -12.64
C ASN A 174 -17.70 -21.99 -11.38
N ILE A 175 -17.33 -22.60 -10.27
CA ILE A 175 -17.20 -21.88 -9.01
C ILE A 175 -15.74 -21.57 -8.74
N ALA A 176 -15.35 -20.30 -8.85
CA ALA A 176 -13.96 -19.91 -8.61
C ALA A 176 -13.46 -20.34 -7.21
N TYR A 177 -14.19 -19.97 -6.18
CA TYR A 177 -13.88 -20.38 -4.81
C TYR A 177 -15.02 -19.94 -3.91
N ILE A 178 -15.01 -20.45 -2.69
CA ILE A 178 -15.88 -19.98 -1.63
C ILE A 178 -15.16 -18.94 -0.79
N CYS A 179 -15.80 -17.80 -0.58
CA CYS A 179 -15.24 -16.76 0.24
C CYS A 179 -15.90 -16.77 1.62
N LEU A 180 -15.19 -17.22 2.64
CA LEU A 180 -15.77 -17.32 3.97
C LEU A 180 -15.14 -16.26 4.90
N ALA A 181 -15.93 -15.25 5.27
CA ALA A 181 -15.47 -14.16 6.13
C ALA A 181 -15.76 -14.45 7.59
N VAL A 182 -14.79 -14.13 8.44
CA VAL A 182 -14.96 -14.22 9.89
C VAL A 182 -14.44 -12.93 10.53
N THR A 183 -15.21 -12.26 11.38
CA THR A 183 -16.68 -12.34 11.44
C THR A 183 -17.20 -11.79 10.11
N VAL A 184 -18.52 -11.83 9.97
CA VAL A 184 -19.24 -11.22 8.85
C VAL A 184 -19.62 -9.77 9.21
N ASN A 185 -18.90 -8.83 8.61
CA ASN A 185 -19.01 -7.40 8.92
C ASN A 185 -20.42 -6.85 8.70
N LEU A 186 -20.96 -7.01 7.51
CA LEU A 186 -22.21 -6.36 7.17
C LEU A 186 -23.48 -6.98 7.80
N ALA A 187 -23.34 -8.13 8.44
CA ALA A 187 -24.48 -8.74 9.13
C ALA A 187 -24.48 -8.19 10.55
N GLY A 188 -23.52 -7.31 10.85
CA GLY A 188 -23.39 -6.72 12.17
C GLY A 188 -22.21 -7.28 12.96
N GLY A 189 -21.20 -7.81 12.26
CA GLY A 189 -20.04 -8.40 12.93
C GLY A 189 -20.36 -9.73 13.57
N GLN A 190 -21.09 -10.57 12.83
CA GLN A 190 -21.60 -11.87 13.31
C GLN A 190 -20.61 -13.05 13.11
N PRO A 191 -20.43 -13.90 14.14
CA PRO A 191 -19.44 -14.95 14.03
C PRO A 191 -19.92 -16.16 13.21
N VAL A 192 -18.93 -16.96 12.77
CA VAL A 192 -19.12 -18.24 12.11
C VAL A 192 -18.64 -19.34 13.07
N SER A 193 -19.42 -20.42 13.20
CA SER A 193 -19.09 -21.52 14.11
C SER A 193 -18.03 -22.44 13.50
N MET A 194 -17.27 -23.11 14.35
CA MET A 194 -16.29 -24.10 13.88
C MET A 194 -16.99 -25.26 13.17
N ALA A 195 -18.13 -25.71 13.72
CA ALA A 195 -18.88 -26.76 13.05
C ALA A 195 -19.18 -26.33 11.63
N ASN A 196 -19.54 -25.08 11.42
CA ASN A 196 -19.87 -24.63 10.07
C ASN A 196 -18.63 -24.60 9.16
N MET A 197 -17.50 -24.15 9.69
CA MET A 197 -16.28 -24.12 8.89
C MET A 197 -15.85 -25.53 8.48
N ARG A 198 -16.05 -26.49 9.39
CA ARG A 198 -15.67 -27.87 9.10
C ARG A 198 -16.62 -28.50 8.05
N ALA A 199 -17.92 -28.21 8.16
CA ALA A 199 -18.88 -28.73 7.18
C ALA A 199 -18.65 -28.13 5.78
N VAL A 200 -18.36 -26.84 5.74
CA VAL A 200 -18.06 -26.19 4.47
C VAL A 200 -16.79 -26.79 3.82
N ARG A 201 -15.79 -27.09 4.63
CA ARG A 201 -14.57 -27.70 4.13
C ARG A 201 -14.85 -29.09 3.55
N GLU A 202 -15.53 -29.94 4.33
CA GLU A 202 -15.82 -31.28 3.84
C GLU A 202 -16.55 -31.25 2.50
N LEU A 203 -17.56 -30.38 2.40
CA LEU A 203 -18.39 -30.38 1.22
C LEU A 203 -17.64 -29.83 0.02
N THR A 204 -16.91 -28.73 0.18
CA THR A 204 -16.14 -28.16 -0.92
C THR A 204 -15.00 -29.09 -1.36
N GLU A 205 -14.32 -29.71 -0.40
CA GLU A 205 -13.19 -30.60 -0.72
C GLU A 205 -13.62 -31.75 -1.62
N ALA A 206 -14.80 -32.31 -1.37
CA ALA A 206 -15.31 -33.45 -2.14
C ALA A 206 -15.57 -33.07 -3.60
N HIS A 207 -15.81 -31.80 -3.87
CA HIS A 207 -16.02 -31.33 -5.24
C HIS A 207 -14.80 -30.60 -5.82
N GLY A 208 -13.68 -30.62 -5.11
CA GLY A 208 -12.49 -29.97 -5.61
C GLY A 208 -12.52 -28.44 -5.58
N ILE A 209 -13.42 -27.86 -4.80
CA ILE A 209 -13.56 -26.39 -4.75
C ILE A 209 -12.73 -25.78 -3.65
N LYS A 210 -12.02 -24.70 -3.98
CA LYS A 210 -11.15 -24.00 -3.04
C LYS A 210 -11.91 -23.05 -2.10
N VAL A 211 -11.40 -22.88 -0.88
CA VAL A 211 -12.01 -22.01 0.12
C VAL A 211 -10.97 -21.01 0.58
N PHE A 212 -11.25 -19.72 0.45
CA PHE A 212 -10.37 -18.66 0.97
C PHE A 212 -11.10 -17.82 2.04
N TYR A 213 -10.49 -17.66 3.22
CA TYR A 213 -11.14 -16.95 4.31
C TYR A 213 -10.88 -15.45 4.22
N ASP A 214 -11.84 -14.63 4.59
CA ASP A 214 -11.50 -13.23 4.89
C ASP A 214 -11.20 -13.18 6.38
N ALA A 215 -9.91 -13.07 6.72
CA ALA A 215 -9.46 -13.26 8.08
C ALA A 215 -9.55 -11.96 8.91
N THR A 216 -10.11 -10.92 8.31
CA THR A 216 -9.99 -9.58 8.87
C THR A 216 -10.38 -9.44 10.36
N ARG A 217 -11.44 -10.13 10.80
CA ARG A 217 -11.82 -10.12 12.23
C ARG A 217 -11.87 -11.53 12.83
N CYS A 218 -10.86 -12.34 12.50
CA CYS A 218 -10.83 -13.76 12.92
C CYS A 218 -10.68 -13.92 14.41
N VAL A 219 -10.08 -12.93 15.08
CA VAL A 219 -9.85 -13.07 16.51
C VAL A 219 -11.15 -12.80 17.27
N GLU A 220 -11.86 -11.72 16.93
CA GLU A 220 -13.24 -11.54 17.42
C GLU A 220 -14.07 -12.83 17.20
N ASN A 221 -13.94 -13.42 16.02
CA ASN A 221 -14.70 -14.65 15.72
C ASN A 221 -14.34 -15.79 16.65
N ALA A 222 -13.04 -16.00 16.88
CA ALA A 222 -12.56 -17.02 17.81
C ALA A 222 -13.09 -16.76 19.20
N TYR A 223 -13.21 -15.49 19.58
CA TYR A 223 -13.73 -15.21 20.91
C TYR A 223 -15.17 -15.77 21.04
N PHE A 224 -16.00 -15.51 20.02
CA PHE A 224 -17.39 -16.00 20.04
C PHE A 224 -17.46 -17.54 20.11
N ILE A 225 -16.57 -18.22 19.42
CA ILE A 225 -16.50 -19.67 19.50
C ILE A 225 -16.17 -20.15 20.92
N LYS A 226 -15.13 -19.58 21.53
CA LYS A 226 -14.79 -19.94 22.91
C LYS A 226 -15.96 -19.70 23.86
N GLU A 227 -16.67 -18.60 23.63
CA GLU A 227 -17.73 -18.16 24.57
C GLU A 227 -18.99 -19.00 24.39
N GLN A 228 -19.31 -19.36 23.15
CA GLN A 228 -20.64 -19.91 22.88
C GLN A 228 -20.72 -21.28 22.19
N GLU A 229 -19.65 -21.77 21.58
CA GLU A 229 -19.74 -23.06 20.90
C GLU A 229 -19.34 -24.20 21.82
N GLN A 230 -20.21 -25.17 21.98
CA GLN A 230 -20.00 -26.23 22.95
C GLN A 230 -18.74 -27.03 22.63
N GLY A 231 -17.92 -27.30 23.65
CA GLY A 231 -16.68 -28.05 23.46
C GLY A 231 -15.46 -27.16 23.22
N PHE A 232 -15.65 -25.86 23.11
CA PHE A 232 -14.54 -24.95 22.91
C PHE A 232 -14.27 -24.08 24.12
N GLU A 233 -15.00 -24.29 25.21
CA GLU A 233 -14.91 -23.36 26.34
C GLU A 233 -13.54 -23.38 27.03
N ASN A 234 -12.78 -24.45 26.86
CA ASN A 234 -11.49 -24.58 27.50
C ASN A 234 -10.33 -24.49 26.53
N LYS A 235 -10.60 -24.14 25.28
CA LYS A 235 -9.53 -23.97 24.33
C LYS A 235 -9.08 -22.51 24.37
N SER A 236 -7.81 -22.30 24.04
CA SER A 236 -7.24 -20.97 24.00
C SER A 236 -7.71 -20.32 22.70
N ILE A 237 -7.72 -18.99 22.69
CA ILE A 237 -8.04 -18.22 21.49
C ILE A 237 -7.11 -18.66 20.34
N ALA A 238 -5.81 -18.79 20.62
CA ALA A 238 -4.83 -19.20 19.59
C ALA A 238 -5.10 -20.60 19.01
N GLU A 239 -5.44 -21.55 19.86
CA GLU A 239 -5.80 -22.89 19.40
C GLU A 239 -7.02 -22.81 18.50
N ILE A 240 -7.97 -21.97 18.88
CA ILE A 240 -9.19 -21.85 18.09
C ILE A 240 -8.89 -21.20 16.73
N VAL A 241 -8.07 -20.14 16.74
CA VAL A 241 -7.65 -19.49 15.49
C VAL A 241 -6.92 -20.47 14.58
N HIS A 242 -5.99 -21.24 15.12
CA HIS A 242 -5.28 -22.22 14.31
C HIS A 242 -6.24 -23.25 13.73
N GLU A 243 -7.16 -23.78 14.52
CA GLU A 243 -8.14 -24.72 13.97
C GLU A 243 -9.02 -24.08 12.87
N MET A 244 -9.49 -22.86 13.07
CA MET A 244 -10.31 -22.19 12.05
C MET A 244 -9.61 -22.30 10.71
N PHE A 245 -8.36 -21.84 10.65
CA PHE A 245 -7.71 -21.76 9.36
C PHE A 245 -7.30 -23.12 8.75
N SER A 246 -7.33 -24.19 9.56
CA SER A 246 -6.98 -25.50 9.04
C SER A 246 -8.05 -25.94 8.04
N TYR A 247 -9.16 -25.21 7.97
CA TYR A 247 -10.26 -25.54 7.03
C TYR A 247 -10.28 -24.66 5.77
N ALA A 248 -9.20 -23.94 5.52
CA ALA A 248 -9.17 -22.99 4.40
C ALA A 248 -7.96 -23.27 3.52
N ASP A 249 -7.98 -22.75 2.30
CA ASP A 249 -6.84 -22.94 1.41
C ASP A 249 -5.95 -21.69 1.42
N GLY A 250 -6.39 -20.66 2.13
CA GLY A 250 -5.63 -19.42 2.20
C GLY A 250 -6.55 -18.34 2.79
N CYS A 251 -6.10 -17.09 2.86
CA CYS A 251 -6.94 -16.03 3.36
C CYS A 251 -6.46 -14.67 2.89
N THR A 252 -7.38 -13.70 2.94
CA THR A 252 -7.01 -12.32 2.77
C THR A 252 -7.13 -11.74 4.16
N MET A 253 -6.31 -10.74 4.43
CA MET A 253 -6.38 -10.13 5.74
C MET A 253 -6.16 -8.61 5.70
N SER A 254 -7.12 -7.85 6.20
CA SER A 254 -6.85 -6.44 6.53
C SER A 254 -6.31 -6.35 7.98
N GLY A 255 -4.99 -6.28 8.15
CA GLY A 255 -4.40 -6.26 9.49
C GLY A 255 -4.85 -5.05 10.32
N LYS A 256 -5.34 -4.04 9.61
CA LYS A 256 -5.84 -2.79 10.22
C LYS A 256 -7.00 -3.03 11.18
N LYS A 257 -7.56 -4.24 11.18
N LYS A 257 -7.55 -4.23 11.18
CA LYS A 257 -8.51 -4.60 12.22
CA LYS A 257 -8.58 -4.61 12.13
C LYS A 257 -7.82 -5.45 13.29
C LYS A 257 -7.99 -5.42 13.31
N ASP A 258 -8.05 -6.76 13.26
CA ASP A 258 -7.61 -7.58 14.38
C ASP A 258 -6.10 -7.73 14.65
N CYS A 259 -5.21 -7.29 13.74
CA CYS A 259 -3.76 -7.28 14.07
C CYS A 259 -3.36 -6.01 14.84
N LEU A 260 -4.34 -5.19 15.17
CA LEU A 260 -4.12 -4.07 16.11
C LEU A 260 -3.14 -3.05 15.54
N VAL A 261 -3.23 -2.78 14.24
CA VAL A 261 -2.31 -1.76 13.66
C VAL A 261 -3.05 -0.63 12.91
N ASN A 262 -2.29 0.37 12.47
CA ASN A 262 -2.86 1.50 11.74
C ASN A 262 -2.74 1.38 10.23
N ILE A 263 -1.95 0.39 9.77
CA ILE A 263 -1.78 0.13 8.34
C ILE A 263 -1.31 -1.32 8.21
N GLY A 264 -1.58 -1.97 7.08
CA GLY A 264 -1.03 -3.33 6.88
C GLY A 264 -2.04 -4.43 6.53
N GLY A 265 -1.60 -5.42 5.75
CA GLY A 265 -2.40 -6.59 5.48
C GLY A 265 -1.57 -7.67 4.82
N PHE A 266 -2.20 -8.76 4.43
CA PHE A 266 -1.49 -9.80 3.73
C PHE A 266 -2.43 -10.79 3.07
N LEU A 267 -1.83 -11.63 2.22
CA LEU A 267 -2.48 -12.73 1.54
C LEU A 267 -1.71 -14.01 1.92
N CYS A 268 -2.43 -15.04 2.37
CA CYS A 268 -1.80 -16.35 2.60
C CYS A 268 -2.37 -17.41 1.70
N MET A 269 -1.56 -18.41 1.40
CA MET A 269 -2.07 -19.59 0.68
C MET A 269 -1.18 -20.80 0.94
N ASN A 270 -1.73 -22.00 0.73
CA ASN A 270 -0.94 -23.22 0.79
C ASN A 270 -0.31 -23.64 -0.54
N ASP A 271 -0.95 -23.31 -1.66
CA ASP A 271 -0.49 -23.78 -2.97
C ASP A 271 0.79 -23.07 -3.48
N ASP A 272 1.82 -23.84 -3.84
CA ASP A 272 3.09 -23.27 -4.33
C ASP A 272 2.97 -22.43 -5.64
N GLU A 273 2.18 -22.92 -6.57
N GLU A 273 2.21 -22.92 -6.59
CA GLU A 273 2.02 -22.27 -7.85
CA GLU A 273 2.07 -22.20 -7.84
C GLU A 273 1.25 -20.96 -7.69
C GLU A 273 1.35 -20.88 -7.57
N MET A 274 0.30 -20.93 -6.76
CA MET A 274 -0.44 -19.71 -6.48
C MET A 274 0.48 -18.70 -5.81
N PHE A 275 1.38 -19.19 -4.94
CA PHE A 275 2.35 -18.31 -4.28
C PHE A 275 3.30 -17.66 -5.30
N SER A 276 3.82 -18.46 -6.22
CA SER A 276 4.58 -17.93 -7.36
C SER A 276 3.89 -16.81 -8.13
N SER A 277 2.67 -17.09 -8.60
CA SER A 277 1.87 -16.12 -9.32
C SER A 277 1.57 -14.89 -8.46
N ALA A 278 1.39 -15.07 -7.16
CA ALA A 278 1.04 -13.93 -6.30
C ALA A 278 2.22 -12.97 -6.20
N LYS A 279 3.41 -13.53 -6.13
CA LYS A 279 4.63 -12.70 -6.07
C LYS A 279 4.86 -11.91 -7.37
N GLU A 280 4.52 -12.51 -8.50
CA GLU A 280 4.58 -11.78 -9.77
C GLU A 280 3.66 -10.58 -9.74
N LEU A 281 2.45 -10.77 -9.24
CA LEU A 281 1.46 -9.72 -9.26
C LEU A 281 1.74 -8.67 -8.19
N VAL A 282 2.23 -9.10 -7.03
CA VAL A 282 2.41 -8.15 -5.92
C VAL A 282 3.35 -7.04 -6.35
N VAL A 283 4.33 -7.35 -7.21
CA VAL A 283 5.30 -6.34 -7.62
C VAL A 283 4.67 -5.24 -8.48
N VAL A 284 3.52 -5.55 -9.08
CA VAL A 284 2.85 -4.60 -9.98
C VAL A 284 2.13 -3.50 -9.18
N TYR A 285 1.48 -3.91 -8.09
CA TYR A 285 0.56 -3.06 -7.35
C TYR A 285 1.08 -2.59 -5.99
N GLU A 286 1.87 -3.43 -5.32
CA GLU A 286 2.17 -3.20 -3.91
C GLU A 286 3.64 -2.89 -3.63
N GLY A 287 4.54 -3.73 -4.14
CA GLY A 287 5.95 -3.74 -3.76
C GLY A 287 6.56 -5.13 -3.94
N MET A 288 7.82 -5.29 -3.57
CA MET A 288 8.49 -6.58 -3.61
C MET A 288 7.79 -7.51 -2.62
N PRO A 289 7.84 -8.84 -2.88
CA PRO A 289 7.19 -9.80 -1.97
C PRO A 289 7.74 -9.71 -0.54
N SER A 290 8.89 -9.05 -0.39
CA SER A 290 9.58 -8.98 0.88
C SER A 290 9.19 -7.74 1.70
N TYR A 291 8.24 -6.93 1.21
CA TYR A 291 7.70 -5.85 2.06
C TYR A 291 6.24 -5.49 1.68
N GLY A 292 5.86 -5.75 0.44
CA GLY A 292 4.44 -5.62 0.04
C GLY A 292 3.77 -4.24 0.18
N GLY A 293 4.52 -3.16 0.00
CA GLY A 293 3.96 -1.81 0.20
C GLY A 293 3.92 -1.33 1.65
N LEU A 294 4.66 -2.01 2.52
CA LEU A 294 4.81 -1.65 3.96
C LEU A 294 6.25 -1.27 4.32
N ALA A 295 6.39 -0.26 5.16
CA ALA A 295 7.65 -0.02 5.85
C ALA A 295 8.01 -1.23 6.76
N GLY A 296 9.28 -1.50 6.98
CA GLY A 296 9.68 -2.61 7.87
C GLY A 296 9.03 -2.49 9.25
N ARG A 297 9.02 -1.27 9.80
CA ARG A 297 8.49 -1.04 11.14
C ARG A 297 7.00 -1.46 11.22
N ASP A 298 6.26 -1.30 10.12
CA ASP A 298 4.87 -1.76 10.04
C ASP A 298 4.69 -3.28 9.95
N MET A 299 5.59 -3.95 9.24
CA MET A 299 5.56 -5.42 9.30
C MET A 299 5.82 -5.89 10.71
N GLU A 300 6.74 -5.19 11.40
CA GLU A 300 7.06 -5.51 12.80
C GLU A 300 5.84 -5.28 13.71
N ALA A 301 5.21 -4.11 13.58
CA ALA A 301 4.07 -3.80 14.45
C ALA A 301 2.93 -4.80 14.27
N MET A 302 2.73 -5.24 13.03
CA MET A 302 1.65 -6.13 12.71
C MET A 302 1.94 -7.58 13.20
N ALA A 303 3.21 -8.00 13.13
CA ALA A 303 3.63 -9.29 13.73
C ALA A 303 3.40 -9.28 15.23
N ILE A 304 3.69 -8.13 15.86
CA ILE A 304 3.60 -8.08 17.32
C ILE A 304 2.11 -8.01 17.73
N GLY A 305 1.37 -7.22 16.98
CA GLY A 305 -0.05 -6.97 17.24
C GLY A 305 -0.90 -8.23 17.05
N LEU A 306 -0.67 -8.98 15.98
CA LEU A 306 -1.40 -10.26 15.78
C LEU A 306 -1.20 -11.22 16.99
N ARG A 307 0.00 -11.31 17.53
CA ARG A 307 0.20 -12.17 18.68
C ARG A 307 -0.49 -11.63 19.94
N GLU A 308 -0.44 -10.30 20.16
CA GLU A 308 -1.13 -9.68 21.30
C GLU A 308 -2.63 -9.96 21.25
N ALA A 309 -3.17 -10.05 20.04
CA ALA A 309 -4.61 -10.21 19.86
C ALA A 309 -5.07 -11.57 20.42
N MET A 310 -4.14 -12.51 20.59
CA MET A 310 -4.48 -13.89 21.07
C MET A 310 -4.71 -13.95 22.58
N GLN A 311 -4.42 -12.85 23.28
CA GLN A 311 -4.62 -12.83 24.73
C GLN A 311 -6.10 -12.79 25.07
N TYR A 312 -6.57 -13.80 25.81
CA TYR A 312 -7.97 -13.93 26.15
C TYR A 312 -8.58 -12.65 26.75
N GLU A 313 -7.92 -12.10 27.77
CA GLU A 313 -8.48 -10.94 28.47
C GLU A 313 -8.60 -9.74 27.55
N TYR A 314 -7.64 -9.57 26.64
CA TYR A 314 -7.71 -8.49 25.65
C TYR A 314 -9.00 -8.64 24.78
N ILE A 315 -9.22 -9.82 24.20
CA ILE A 315 -10.31 -9.93 23.22
C ILE A 315 -11.68 -10.01 23.89
N GLU A 316 -11.72 -10.65 25.05
CA GLU A 316 -12.90 -10.60 25.89
C GLU A 316 -13.33 -9.16 26.19
N HIS A 317 -12.40 -8.35 26.69
CA HIS A 317 -12.74 -6.95 26.95
C HIS A 317 -13.14 -6.19 25.68
N ARG A 318 -12.41 -6.44 24.60
CA ARG A 318 -12.70 -5.74 23.33
C ARG A 318 -14.19 -5.96 22.97
N VAL A 319 -14.60 -7.22 22.98
CA VAL A 319 -15.94 -7.61 22.56
C VAL A 319 -16.98 -7.18 23.59
N LYS A 320 -16.69 -7.34 24.89
CA LYS A 320 -17.70 -6.93 25.88
C LYS A 320 -17.91 -5.40 25.97
N GLN A 321 -16.90 -4.63 25.58
CA GLN A 321 -17.07 -3.17 25.56
C GLN A 321 -18.09 -2.82 24.50
N VAL A 322 -17.99 -3.46 23.33
CA VAL A 322 -18.98 -3.23 22.27
C VAL A 322 -20.37 -3.65 22.80
N ARG A 323 -20.41 -4.77 23.50
CA ARG A 323 -21.66 -5.34 23.98
C ARG A 323 -22.30 -4.38 25.00
N TYR A 324 -21.48 -3.78 25.83
CA TYR A 324 -21.99 -2.74 26.75
C TYR A 324 -22.72 -1.61 26.01
N LEU A 325 -22.15 -1.10 24.92
CA LEU A 325 -22.82 -0.01 24.22
C LEU A 325 -24.18 -0.53 23.74
N GLY A 326 -24.16 -1.74 23.18
CA GLY A 326 -25.38 -2.38 22.70
C GLY A 326 -26.43 -2.59 23.79
N ASP A 327 -26.01 -3.14 24.92
CA ASP A 327 -26.90 -3.34 26.06
C ASP A 327 -27.56 -2.03 26.48
N LYS A 328 -26.78 -0.95 26.54
N LYS A 328 -26.79 -0.95 26.51
CA LYS A 328 -27.35 0.33 26.97
CA LYS A 328 -27.33 0.31 26.97
C LYS A 328 -28.40 0.83 25.99
C LYS A 328 -28.39 0.84 25.99
N LEU A 329 -28.12 0.73 24.70
CA LEU A 329 -29.03 1.21 23.69
C LEU A 329 -30.32 0.38 23.71
N LYS A 330 -30.15 -0.94 23.81
CA LYS A 330 -31.30 -1.83 23.87
C LYS A 330 -32.15 -1.63 25.13
N ALA A 331 -31.54 -1.42 26.30
CA ALA A 331 -32.35 -1.22 27.51
C ALA A 331 -33.22 0.02 27.37
N ALA A 332 -32.79 0.98 26.55
CA ALA A 332 -33.58 2.20 26.39
C ALA A 332 -34.59 2.11 25.24
N GLY A 333 -34.74 0.94 24.62
CA GLY A 333 -35.61 0.84 23.44
C GLY A 333 -35.09 1.29 22.06
N VAL A 334 -33.80 1.59 21.92
CA VAL A 334 -33.25 1.96 20.62
C VAL A 334 -33.10 0.73 19.72
N PRO A 335 -33.57 0.78 18.45
CA PRO A 335 -33.51 -0.48 17.68
C PRO A 335 -32.13 -0.74 17.12
N ILE A 336 -31.62 -1.96 17.30
CA ILE A 336 -30.29 -2.30 16.83
C ILE A 336 -30.33 -3.68 16.18
N VAL A 337 -29.26 -4.00 15.45
CA VAL A 337 -29.02 -5.35 14.98
C VAL A 337 -28.66 -6.24 16.17
N GLU A 338 -29.26 -7.43 16.25
CA GLU A 338 -28.95 -8.32 17.35
C GLU A 338 -28.54 -9.68 16.80
N PRO A 339 -27.77 -10.46 17.57
CA PRO A 339 -27.10 -10.00 18.78
C PRO A 339 -25.95 -9.07 18.38
N VAL A 340 -25.37 -8.40 19.36
CA VAL A 340 -24.33 -7.42 19.09
C VAL A 340 -23.10 -8.16 18.57
N GLY A 341 -22.45 -7.62 17.54
CA GLY A 341 -21.28 -8.26 16.93
C GLY A 341 -19.96 -7.92 17.62
N GLY A 342 -18.84 -8.29 17.00
CA GLY A 342 -17.55 -8.18 17.63
C GLY A 342 -16.95 -6.77 17.68
N HIS A 343 -17.32 -5.89 16.74
CA HIS A 343 -16.57 -4.64 16.53
C HIS A 343 -17.41 -3.35 16.54
N ALA A 344 -18.73 -3.45 16.54
CA ALA A 344 -19.59 -2.29 16.34
C ALA A 344 -21.00 -2.61 16.78
N VAL A 345 -21.75 -1.58 17.15
CA VAL A 345 -23.20 -1.65 17.27
C VAL A 345 -23.82 -1.05 15.98
N PHE A 346 -24.82 -1.72 15.41
CA PHE A 346 -25.47 -1.22 14.20
C PHE A 346 -26.87 -0.76 14.55
N LEU A 347 -27.14 0.53 14.49
CA LEU A 347 -28.51 0.98 14.62
C LEU A 347 -29.32 0.49 13.39
N ASP A 348 -30.51 -0.03 13.63
CA ASP A 348 -31.38 -0.44 12.54
C ASP A 348 -32.12 0.80 12.06
N ALA A 349 -31.70 1.31 10.91
CA ALA A 349 -32.20 2.57 10.36
C ALA A 349 -33.63 2.44 9.83
N ARG A 350 -34.01 1.22 9.41
CA ARG A 350 -35.41 1.01 8.97
C ARG A 350 -36.34 1.37 10.13
N ARG A 351 -36.08 0.82 11.32
CA ARG A 351 -36.89 1.08 12.51
C ARG A 351 -36.66 2.48 13.13
N PHE A 352 -35.44 2.99 13.08
CA PHE A 352 -35.13 4.26 13.73
C PHE A 352 -35.90 5.33 12.97
N CYS A 353 -35.93 5.18 11.66
CA CYS A 353 -36.65 6.11 10.79
C CYS A 353 -37.74 5.41 9.96
N GLU A 354 -38.78 4.90 10.60
CA GLU A 354 -39.81 4.14 9.86
C GLU A 354 -40.68 4.99 8.93
N HIS A 355 -40.63 6.31 9.13
CA HIS A 355 -41.33 7.29 8.29
C HIS A 355 -40.62 7.55 6.92
N LEU A 356 -39.42 7.01 6.72
CA LEU A 356 -38.75 7.11 5.41
C LEU A 356 -38.75 5.77 4.68
N THR A 357 -38.68 5.80 3.35
CA THR A 357 -38.42 4.58 2.59
C THR A 357 -36.92 4.38 2.38
N GLN A 358 -36.55 3.16 2.03
CA GLN A 358 -35.14 2.84 1.91
C GLN A 358 -34.56 3.64 0.77
N ASP A 359 -35.42 4.02 -0.17
CA ASP A 359 -35.01 4.88 -1.29
C ASP A 359 -34.67 6.34 -0.93
N GLU A 360 -35.03 6.76 0.29
CA GLU A 360 -34.75 8.10 0.82
C GLU A 360 -33.51 8.05 1.73
N PHE A 361 -32.78 6.92 1.66
CA PHE A 361 -31.52 6.70 2.36
C PHE A 361 -31.56 7.00 3.87
N PRO A 362 -32.43 6.28 4.61
CA PRO A 362 -32.56 6.51 6.06
C PRO A 362 -31.25 6.35 6.80
N ALA A 363 -30.47 5.33 6.45
CA ALA A 363 -29.16 5.10 7.08
C ALA A 363 -28.20 6.26 6.84
N GLN A 364 -27.94 6.62 5.58
CA GLN A 364 -27.09 7.79 5.30
C GLN A 364 -27.62 9.03 6.08
N SER A 365 -28.94 9.21 6.13
CA SER A 365 -29.49 10.39 6.80
C SER A 365 -29.24 10.39 8.31
N LEU A 366 -29.49 9.23 8.93
CA LEU A 366 -29.37 9.06 10.37
C LEU A 366 -27.93 9.31 10.84
N ALA A 367 -26.99 8.82 10.07
CA ALA A 367 -25.57 9.03 10.40
C ALA A 367 -25.24 10.54 10.46
N ALA A 368 -25.78 11.32 9.51
CA ALA A 368 -25.56 12.78 9.45
C ALA A 368 -26.20 13.44 10.69
N SER A 369 -27.43 13.02 10.99
CA SER A 369 -28.17 13.53 12.13
C SER A 369 -27.40 13.24 13.45
N ILE A 370 -27.01 11.97 13.64
CA ILE A 370 -26.18 11.64 14.80
C ILE A 370 -24.97 12.58 14.90
N TYR A 371 -24.29 12.83 13.79
CA TYR A 371 -23.17 13.79 13.89
C TYR A 371 -23.61 15.20 14.35
N VAL A 372 -24.75 15.66 13.84
CA VAL A 372 -25.15 17.06 14.05
C VAL A 372 -25.56 17.26 15.50
N GLU A 373 -26.22 16.25 16.06
CA GLU A 373 -26.69 16.31 17.44
C GLU A 373 -25.64 15.97 18.53
N THR A 374 -24.59 15.24 18.14
CA THR A 374 -23.67 14.70 19.14
C THR A 374 -22.17 14.92 18.89
N GLY A 375 -21.80 15.32 17.67
CA GLY A 375 -20.38 15.25 17.26
C GLY A 375 -19.76 13.83 17.15
N VAL A 376 -20.58 12.78 17.18
CA VAL A 376 -20.05 11.45 17.07
C VAL A 376 -20.16 11.08 15.59
N ARG A 377 -19.08 10.53 15.04
CA ARG A 377 -19.13 10.09 13.66
C ARG A 377 -19.42 8.59 13.59
N SER A 378 -20.35 8.21 12.72
CA SER A 378 -20.70 6.82 12.45
C SER A 378 -20.78 6.61 10.93
N MET A 379 -20.88 5.38 10.45
CA MET A 379 -20.87 5.10 8.99
C MET A 379 -22.20 4.50 8.44
N GLU A 380 -22.63 4.96 7.24
CA GLU A 380 -23.69 4.27 6.47
C GLU A 380 -23.28 2.83 6.18
N ARG A 381 -24.17 1.88 6.46
CA ARG A 381 -23.99 0.48 6.08
C ARG A 381 -25.36 -0.03 5.57
N GLY A 382 -25.78 0.47 4.41
CA GLY A 382 -27.15 0.25 3.93
C GLY A 382 -27.17 0.30 2.41
N ILE A 383 -28.28 0.80 1.86
CA ILE A 383 -28.45 0.89 0.40
C ILE A 383 -27.31 1.65 -0.32
N ILE A 384 -26.77 2.70 0.29
CA ILE A 384 -25.69 3.47 -0.35
C ILE A 384 -24.44 2.59 -0.50
N SER A 385 -24.02 1.94 0.58
CA SER A 385 -22.87 1.04 0.55
C SER A 385 -23.02 -0.15 -0.39
N ALA A 386 -24.25 -0.65 -0.52
CA ALA A 386 -24.53 -1.87 -1.30
C ALA A 386 -24.29 -1.70 -2.80
N GLY A 387 -24.32 -0.44 -3.27
CA GLY A 387 -23.97 -0.12 -4.64
C GLY A 387 -25.07 -0.48 -5.63
N ARG A 388 -24.73 -0.37 -6.91
CA ARG A 388 -25.66 -0.70 -7.96
C ARG A 388 -25.45 -2.08 -8.53
N ASN A 389 -26.58 -2.68 -8.90
CA ASN A 389 -26.57 -3.92 -9.60
C ASN A 389 -25.89 -3.70 -10.96
N ASN A 390 -24.81 -4.42 -11.22
CA ASN A 390 -24.03 -4.19 -12.45
C ASN A 390 -24.72 -4.72 -13.73
N VAL A 391 -25.91 -5.30 -13.59
CA VAL A 391 -26.70 -5.78 -14.73
C VAL A 391 -27.90 -4.87 -15.05
N THR A 392 -28.62 -4.46 -14.01
CA THR A 392 -29.84 -3.64 -14.19
C THR A 392 -29.59 -2.13 -14.00
N GLY A 393 -28.57 -1.77 -13.24
CA GLY A 393 -28.33 -0.37 -12.90
C GLY A 393 -29.12 0.15 -11.68
N GLU A 394 -30.00 -0.68 -11.13
CA GLU A 394 -30.79 -0.31 -9.94
C GLU A 394 -29.93 -0.47 -8.67
N HIS A 395 -30.29 0.22 -7.58
CA HIS A 395 -29.62 -0.03 -6.28
C HIS A 395 -29.80 -1.51 -5.92
N HIS A 396 -28.73 -2.16 -5.44
CA HIS A 396 -28.92 -3.39 -4.68
C HIS A 396 -29.74 -2.93 -3.46
N ARG A 397 -30.66 -3.77 -2.99
CA ARG A 397 -31.52 -3.36 -1.90
C ARG A 397 -31.32 -4.27 -0.69
N PRO A 398 -30.31 -3.97 0.13
CA PRO A 398 -30.09 -4.85 1.27
C PRO A 398 -31.23 -4.71 2.30
N LYS A 399 -31.72 -5.83 2.84
CA LYS A 399 -32.68 -5.78 3.97
C LYS A 399 -32.07 -5.04 5.13
N LEU A 400 -30.76 -5.27 5.36
CA LEU A 400 -30.02 -4.57 6.43
C LEU A 400 -29.70 -3.12 6.02
N GLU A 401 -30.49 -2.21 6.55
CA GLU A 401 -30.25 -0.78 6.35
C GLU A 401 -29.85 -0.20 7.71
N THR A 402 -28.54 -0.11 7.94
CA THR A 402 -27.97 0.10 9.27
C THR A 402 -27.00 1.26 9.31
N VAL A 403 -26.81 1.81 10.51
CA VAL A 403 -25.81 2.82 10.80
C VAL A 403 -24.87 2.31 11.87
N ARG A 404 -23.57 2.31 11.56
CA ARG A 404 -22.59 1.61 12.39
C ARG A 404 -21.83 2.53 13.35
N LEU A 405 -21.84 2.16 14.63
CA LEU A 405 -21.05 2.83 15.65
C LEU A 405 -19.89 1.89 15.87
N THR A 406 -18.77 2.16 15.21
CA THR A 406 -17.70 1.18 15.11
C THR A 406 -16.61 1.53 16.08
N ILE A 407 -16.23 0.54 16.88
CA ILE A 407 -15.31 0.78 17.98
C ILE A 407 -13.83 0.40 17.69
N PRO A 408 -12.96 1.39 17.54
CA PRO A 408 -11.51 1.10 17.44
C PRO A 408 -11.00 0.36 18.66
N ARG A 409 -9.97 -0.46 18.49
CA ARG A 409 -9.49 -1.30 19.57
C ARG A 409 -8.62 -0.53 20.53
N ARG A 410 -8.91 -0.63 21.83
CA ARG A 410 -8.02 -0.07 22.85
C ARG A 410 -7.95 1.45 22.88
N VAL A 411 -8.99 2.12 22.36
CA VAL A 411 -8.96 3.58 22.22
C VAL A 411 -9.90 4.31 23.18
N TYR A 412 -11.10 3.75 23.39
CA TYR A 412 -12.13 4.43 24.21
C TYR A 412 -12.41 3.66 25.51
N THR A 413 -13.18 4.30 26.41
CA THR A 413 -13.54 3.74 27.70
C THR A 413 -15.06 3.55 27.79
N TYR A 414 -15.53 2.88 28.85
CA TYR A 414 -16.97 2.78 29.11
C TYR A 414 -17.63 4.15 29.27
N ALA A 415 -16.89 5.13 29.78
CA ALA A 415 -17.52 6.46 29.95
C ALA A 415 -17.77 7.10 28.57
N HIS A 416 -16.87 6.85 27.61
CA HIS A 416 -17.12 7.29 26.22
C HIS A 416 -18.34 6.55 25.64
N MET A 417 -18.47 5.27 25.94
CA MET A 417 -19.64 4.51 25.50
C MET A 417 -20.91 5.10 26.09
N ASP A 418 -20.89 5.52 27.37
CA ASP A 418 -22.09 6.16 27.96
C ASP A 418 -22.46 7.46 27.25
N VAL A 419 -21.45 8.24 26.89
CA VAL A 419 -21.71 9.52 26.22
C VAL A 419 -22.35 9.26 24.87
N VAL A 420 -21.79 8.32 24.12
CA VAL A 420 -22.37 7.95 22.84
C VAL A 420 -23.84 7.48 23.03
N ALA A 421 -24.06 6.53 23.94
CA ALA A 421 -25.41 6.01 24.20
C ALA A 421 -26.39 7.12 24.59
N ASP A 422 -26.01 7.98 25.52
N ASP A 422 -26.03 7.99 25.53
CA ASP A 422 -26.86 9.09 25.94
CA ASP A 422 -26.88 9.13 25.91
C ASP A 422 -27.28 9.96 24.74
C ASP A 422 -27.31 9.89 24.67
N GLY A 423 -26.35 10.25 23.85
CA GLY A 423 -26.67 11.05 22.67
C GLY A 423 -27.61 10.36 21.70
N ILE A 424 -27.40 9.07 21.44
CA ILE A 424 -28.23 8.36 20.49
C ILE A 424 -29.65 8.29 21.04
N ILE A 425 -29.76 8.03 22.33
CA ILE A 425 -31.02 7.92 22.99
C ILE A 425 -31.87 9.22 22.86
N LYS A 426 -31.21 10.38 22.98
CA LYS A 426 -31.90 11.66 22.81
C LYS A 426 -32.33 11.88 21.37
N LEU A 427 -31.45 11.61 20.41
CA LEU A 427 -31.87 11.67 19.01
C LEU A 427 -33.12 10.80 18.75
N TYR A 428 -33.16 9.61 19.35
CA TYR A 428 -34.31 8.71 19.21
C TYR A 428 -35.65 9.38 19.57
N GLN A 429 -35.68 10.11 20.69
CA GLN A 429 -36.88 10.87 21.16
C GLN A 429 -37.53 11.72 20.09
N HIS A 430 -36.75 12.20 19.13
CA HIS A 430 -37.37 12.95 18.04
C HIS A 430 -36.91 12.41 16.69
N LYS A 431 -36.87 11.09 16.56
CA LYS A 431 -36.47 10.44 15.30
C LYS A 431 -37.27 10.90 14.05
N GLU A 432 -38.53 11.33 14.24
CA GLU A 432 -39.37 11.80 13.14
C GLU A 432 -38.80 13.03 12.43
N ASP A 433 -37.79 13.66 13.04
CA ASP A 433 -37.10 14.87 12.54
C ASP A 433 -36.06 14.62 11.44
N ILE A 434 -35.72 13.36 11.26
CA ILE A 434 -34.69 13.00 10.30
C ILE A 434 -35.32 12.94 8.90
N ARG A 435 -34.71 13.70 7.99
CA ARG A 435 -35.20 13.92 6.62
C ARG A 435 -34.64 12.95 5.58
N GLY A 436 -35.36 12.78 4.48
CA GLY A 436 -34.85 11.96 3.39
C GLY A 436 -33.67 12.64 2.70
N LEU A 437 -32.79 11.84 2.10
CA LEU A 437 -31.67 12.36 1.33
C LEU A 437 -31.81 11.94 -0.13
N LYS A 438 -31.14 12.65 -1.04
CA LYS A 438 -31.00 12.23 -2.44
C LYS A 438 -29.58 12.58 -2.91
N PHE A 439 -29.06 11.77 -3.84
CA PHE A 439 -27.75 12.03 -4.46
C PHE A 439 -27.74 13.37 -5.16
N ILE A 440 -26.67 14.14 -4.96
CA ILE A 440 -26.26 15.20 -5.89
C ILE A 440 -24.96 14.82 -6.61
N TYR A 441 -24.21 13.89 -6.06
CA TYR A 441 -23.05 13.37 -6.78
C TYR A 441 -22.86 11.89 -6.46
N GLU A 442 -22.74 11.05 -7.48
CA GLU A 442 -22.61 9.60 -7.27
C GLU A 442 -21.42 9.05 -8.06
N PRO A 443 -20.37 8.63 -7.36
CA PRO A 443 -19.26 7.88 -7.99
C PRO A 443 -19.73 6.60 -8.74
N LYS A 444 -18.98 6.19 -9.76
CA LYS A 444 -19.31 5.00 -10.57
C LYS A 444 -19.11 3.63 -9.87
N GLN A 445 -18.33 3.58 -8.78
CA GLN A 445 -18.20 2.38 -7.93
C GLN A 445 -17.85 2.81 -6.50
N LEU A 446 -17.99 1.88 -5.54
CA LEU A 446 -17.74 2.20 -4.13
C LEU A 446 -18.22 3.63 -3.79
N ARG A 447 -19.48 3.92 -4.13
CA ARG A 447 -20.02 5.27 -4.12
C ARG A 447 -20.18 5.90 -2.74
N PHE A 448 -20.30 5.05 -1.71
CA PHE A 448 -20.51 5.49 -0.33
C PHE A 448 -19.34 6.33 0.20
N PHE A 449 -18.15 6.14 -0.38
CA PHE A 449 -16.92 6.77 0.11
C PHE A 449 -16.95 8.29 -0.06
N THR A 450 -17.41 8.74 -1.22
CA THR A 450 -17.35 10.17 -1.57
C THR A 450 -18.64 10.72 -2.18
N ALA A 451 -19.71 9.92 -2.18
CA ALA A 451 -21.03 10.45 -2.58
C ALA A 451 -21.49 11.69 -1.80
N ARG A 452 -22.12 12.65 -2.49
CA ARG A 452 -22.71 13.80 -1.81
C ARG A 452 -24.22 13.81 -2.03
N PHE A 453 -24.95 14.34 -1.04
CA PHE A 453 -26.40 14.32 -0.99
C PHE A 453 -26.97 15.72 -0.69
N ASP A 454 -28.28 15.86 -0.88
CA ASP A 454 -29.03 17.02 -0.45
C ASP A 454 -30.35 16.53 0.14
N TYR A 455 -30.93 17.27 1.08
CA TYR A 455 -32.20 16.83 1.68
C TYR A 455 -33.29 16.83 0.63
N ILE A 456 -34.15 15.81 0.63
CA ILE A 456 -35.34 15.80 -0.23
C ILE A 456 -36.34 16.88 0.21
N ASN B 2 35.08 21.13 -3.03
CA ASN B 2 35.09 19.80 -3.69
C ASN B 2 33.98 18.88 -3.15
N TYR B 3 34.10 18.42 -1.91
CA TYR B 3 33.03 17.59 -1.31
C TYR B 3 32.64 18.13 0.06
N PRO B 4 31.36 18.51 0.22
CA PRO B 4 30.99 19.16 1.49
C PRO B 4 30.81 18.14 2.62
N ALA B 5 31.02 18.60 3.85
CA ALA B 5 30.70 17.81 5.04
C ALA B 5 29.18 17.63 5.13
N GLU B 6 28.74 16.60 5.85
CA GLU B 6 27.32 16.38 6.10
C GLU B 6 26.70 17.63 6.73
N PRO B 7 25.59 18.13 6.16
CA PRO B 7 24.93 19.33 6.70
C PRO B 7 23.95 18.93 7.79
N PHE B 8 24.28 17.88 8.52
CA PHE B 8 23.46 17.39 9.60
C PHE B 8 24.39 16.59 10.52
N ARG B 9 23.92 16.27 11.71
CA ARG B 9 24.67 15.34 12.52
C ARG B 9 23.81 14.16 12.89
N ILE B 10 24.38 13.17 13.53
CA ILE B 10 23.64 11.97 13.80
C ILE B 10 22.82 12.10 15.09
N LYS B 11 21.51 11.82 15.02
CA LYS B 11 20.64 11.82 16.19
C LYS B 11 20.54 10.44 16.79
N SER B 12 20.50 9.41 15.93
CA SER B 12 20.50 8.04 16.43
C SER B 12 21.08 7.07 15.41
N VAL B 13 21.58 5.95 15.90
CA VAL B 13 22.23 5.02 15.01
C VAL B 13 21.45 3.72 14.82
N GLU B 14 21.74 3.03 13.73
CA GLU B 14 21.17 1.73 13.47
C GLU B 14 22.27 0.71 13.60
N THR B 15 21.95 -0.35 14.34
CA THR B 15 22.86 -1.43 14.67
C THR B 15 23.05 -2.37 13.48
N VAL B 16 24.31 -2.72 13.19
CA VAL B 16 24.63 -3.62 12.06
C VAL B 16 25.62 -4.70 12.49
N SER B 17 25.69 -5.79 11.72
CA SER B 17 26.69 -6.81 12.04
C SER B 17 28.05 -6.49 11.37
N MET B 18 29.12 -6.72 12.12
CA MET B 18 30.47 -6.53 11.60
C MET B 18 31.13 -7.89 11.37
N ILE B 19 30.39 -8.87 10.85
CA ILE B 19 30.99 -10.19 10.62
C ILE B 19 32.14 -10.09 9.64
N PRO B 20 33.20 -10.86 9.89
CA PRO B 20 34.45 -10.88 9.12
C PRO B 20 34.30 -11.62 7.78
N ARG B 21 35.30 -11.46 6.93
CA ARG B 21 35.25 -11.95 5.55
C ARG B 21 34.89 -13.43 5.46
N ASP B 22 35.52 -14.27 6.28
CA ASP B 22 35.25 -15.71 6.23
C ASP B 22 33.79 -16.03 6.52
N GLU B 23 33.17 -15.31 7.46
CA GLU B 23 31.76 -15.53 7.77
C GLU B 23 30.89 -14.96 6.67
N ARG B 24 31.32 -13.84 6.08
CA ARG B 24 30.59 -13.27 4.94
C ARG B 24 30.61 -14.26 3.79
N LEU B 25 31.69 -14.98 3.60
CA LEU B 25 31.72 -15.96 2.50
C LEU B 25 30.63 -17.04 2.70
N LYS B 26 30.49 -17.52 3.93
CA LYS B 26 29.44 -18.48 4.27
C LYS B 26 28.01 -17.94 4.05
N LYS B 27 27.72 -16.71 4.50
CA LYS B 27 26.41 -16.11 4.20
C LYS B 27 26.17 -15.99 2.69
N MET B 28 27.22 -15.61 1.93
CA MET B 28 27.07 -15.47 0.49
C MET B 28 26.72 -16.82 -0.13
N GLN B 29 27.39 -17.87 0.34
CA GLN B 29 27.16 -19.21 -0.13
C GLN B 29 25.77 -19.70 0.26
N GLU B 30 25.36 -19.45 1.50
CA GLU B 30 24.01 -19.85 1.91
C GLU B 30 22.91 -19.14 1.09
N ALA B 31 23.23 -17.92 0.63
CA ALA B 31 22.36 -17.18 -0.30
C ALA B 31 22.52 -17.58 -1.79
N GLY B 32 23.17 -18.71 -2.07
CA GLY B 32 23.41 -19.10 -3.46
C GLY B 32 24.04 -18.00 -4.31
N TYR B 33 24.93 -17.21 -3.72
CA TYR B 33 25.64 -16.16 -4.48
C TYR B 33 24.71 -15.13 -5.11
N ASN B 34 23.47 -15.05 -4.62
CA ASN B 34 22.54 -14.01 -5.06
C ASN B 34 22.36 -12.94 -3.95
N THR B 35 22.85 -11.71 -4.16
CA THR B 35 22.75 -10.68 -3.11
C THR B 35 21.31 -10.37 -2.74
N PHE B 36 20.38 -10.63 -3.66
CA PHE B 36 18.98 -10.40 -3.30
C PHE B 36 18.49 -11.35 -2.22
N LEU B 37 19.23 -12.45 -1.98
CA LEU B 37 18.81 -13.44 -0.97
C LEU B 37 19.54 -13.29 0.38
N LEU B 38 20.41 -12.31 0.48
CA LEU B 38 21.09 -12.06 1.75
C LEU B 38 20.11 -11.54 2.79
N ASN B 39 20.31 -11.91 4.06
CA ASN B 39 19.56 -11.33 5.16
C ASN B 39 20.07 -9.94 5.48
N SER B 40 19.15 -9.02 5.69
CA SER B 40 19.54 -7.68 6.10
C SER B 40 20.46 -7.70 7.34
N LYS B 41 20.16 -8.58 8.31
CA LYS B 41 20.98 -8.59 9.53
C LYS B 41 22.45 -9.00 9.27
N ASP B 42 22.78 -9.45 8.06
CA ASP B 42 24.14 -9.92 7.79
C ASP B 42 24.92 -8.91 6.93
N ILE B 43 24.35 -7.73 6.72
CA ILE B 43 24.94 -6.79 5.79
C ILE B 43 25.41 -5.55 6.54
N TYR B 44 26.66 -5.17 6.28
CA TYR B 44 27.22 -3.95 6.85
C TYR B 44 26.68 -2.68 6.15
N ILE B 45 26.85 -2.60 4.82
CA ILE B 45 26.42 -1.41 4.06
C ILE B 45 25.48 -1.87 2.93
N ASP B 46 24.23 -1.42 2.95
CA ASP B 46 23.23 -2.00 2.04
C ASP B 46 22.87 -1.00 0.95
N LEU B 47 23.47 -1.21 -0.22
CA LEU B 47 23.34 -0.31 -1.35
C LEU B 47 22.46 -0.97 -2.42
N LEU B 48 21.66 -1.96 -2.00
CA LEU B 48 20.69 -2.60 -2.88
C LEU B 48 19.81 -1.57 -3.54
N THR B 49 19.32 -0.59 -2.79
CA THR B 49 18.42 0.41 -3.34
C THR B 49 18.35 1.71 -2.53
N ASP B 50 18.05 2.82 -3.20
CA ASP B 50 17.79 4.09 -2.51
C ASP B 50 16.30 4.28 -2.27
N SER B 51 15.51 3.23 -2.44
CA SER B 51 14.07 3.35 -2.29
C SER B 51 13.59 2.94 -0.92
N GLY B 52 13.16 3.92 -0.12
CA GLY B 52 12.52 3.64 1.16
C GLY B 52 13.47 3.27 2.28
N THR B 53 14.76 3.47 2.00
CA THR B 53 15.83 3.13 2.93
C THR B 53 16.47 4.40 3.52
N ASN B 54 15.85 5.56 3.30
CA ASN B 54 16.36 6.84 3.78
C ASN B 54 16.30 6.97 5.32
N ALA B 55 17.21 7.77 5.90
CA ALA B 55 17.15 8.11 7.32
C ALA B 55 16.31 9.36 7.49
N MET B 56 15.38 9.33 8.43
CA MET B 56 14.53 10.48 8.70
C MET B 56 15.18 11.42 9.71
N SER B 57 14.68 12.65 9.82
CA SER B 57 15.18 13.57 10.81
C SER B 57 14.49 13.44 12.18
N ASP B 58 15.02 14.14 13.18
CA ASP B 58 14.29 14.33 14.45
C ASP B 58 12.89 14.95 14.23
N LYS B 59 12.74 15.88 13.29
CA LYS B 59 11.44 16.52 13.06
C LYS B 59 10.42 15.54 12.47
N GLN B 60 10.87 14.69 11.56
CA GLN B 60 10.04 13.64 11.00
C GLN B 60 9.62 12.66 12.06
N TRP B 61 10.57 12.25 12.92
CA TRP B 61 10.23 11.36 14.02
C TRP B 61 9.27 11.98 15.02
N ALA B 62 9.35 13.30 15.25
CA ALA B 62 8.33 13.99 16.02
C ALA B 62 6.95 13.93 15.32
N GLY B 63 6.92 14.12 13.99
CA GLY B 63 5.64 13.95 13.27
C GLY B 63 5.11 12.50 13.34
N MET B 64 6.02 11.54 13.42
CA MET B 64 5.63 10.14 13.59
C MET B 64 4.85 9.91 14.88
N MET B 65 5.02 10.79 15.86
CA MET B 65 4.28 10.67 17.14
C MET B 65 2.94 11.42 17.05
N MET B 66 2.68 12.13 15.95
N MET B 66 2.72 12.15 15.94
CA MET B 66 1.45 12.92 15.85
CA MET B 66 1.50 12.95 15.76
C MET B 66 0.54 12.40 14.75
C MET B 66 0.65 12.40 14.61
N GLY B 67 0.54 11.09 14.52
CA GLY B 67 -0.29 10.53 13.49
C GLY B 67 -1.72 10.63 13.98
N ASP B 68 -2.54 11.34 13.20
CA ASP B 68 -3.99 11.39 13.36
C ASP B 68 -4.48 10.25 12.46
N GLU B 69 -4.84 9.13 13.09
CA GLU B 69 -5.10 7.88 12.35
C GLU B 69 -6.54 7.71 11.82
N ALA B 70 -7.31 8.80 11.83
CA ALA B 70 -8.69 8.78 11.32
C ALA B 70 -8.74 8.18 9.92
N TYR B 71 -9.84 7.46 9.63
CA TYR B 71 -10.04 6.83 8.34
C TYR B 71 -10.28 7.89 7.23
N ALA B 72 -10.81 9.05 7.62
CA ALA B 72 -11.06 10.12 6.66
C ALA B 72 -10.85 11.47 7.33
N GLY B 73 -10.38 12.46 6.56
CA GLY B 73 -10.22 13.81 7.13
C GLY B 73 -9.04 14.03 8.08
N SER B 74 -8.04 13.15 8.01
CA SER B 74 -6.87 13.26 8.91
C SER B 74 -6.17 14.61 8.74
N GLU B 75 -5.82 15.27 9.85
CA GLU B 75 -4.97 16.49 9.82
C GLU B 75 -3.66 16.26 9.06
N ASN B 76 -3.11 15.06 9.13
CA ASN B 76 -1.87 14.78 8.43
C ASN B 76 -2.03 14.86 6.91
N PHE B 77 -3.18 14.41 6.41
CA PHE B 77 -3.43 14.54 4.96
C PHE B 77 -3.48 16.04 4.55
N TYR B 78 -4.10 16.88 5.37
CA TYR B 78 -4.19 18.28 5.01
C TYR B 78 -2.84 18.95 5.06
N HIS B 79 -1.99 18.53 6.00
CA HIS B 79 -0.61 19.05 6.01
C HIS B 79 0.10 18.61 4.71
N LEU B 80 0.01 17.33 4.36
CA LEU B 80 0.64 16.82 3.14
C LEU B 80 0.11 17.58 1.93
N GLU B 81 -1.21 17.83 1.92
CA GLU B 81 -1.83 18.39 0.76
C GLU B 81 -1.35 19.83 0.52
N ARG B 82 -1.30 20.64 1.56
CA ARG B 82 -0.89 22.00 1.33
C ARG B 82 0.60 22.12 1.05
N THR B 83 1.40 21.20 1.59
CA THR B 83 2.82 21.19 1.34
C THR B 83 3.10 20.92 -0.14
N VAL B 84 2.46 19.90 -0.71
CA VAL B 84 2.71 19.57 -2.11
C VAL B 84 2.13 20.68 -3.03
N GLN B 85 0.99 21.27 -2.66
CA GLN B 85 0.44 22.36 -3.47
C GLN B 85 1.41 23.50 -3.48
N GLU B 86 1.91 23.86 -2.31
CA GLU B 86 2.87 24.96 -2.22
C GLU B 86 4.14 24.65 -3.04
N LEU B 87 4.70 23.47 -2.85
CA LEU B 87 6.06 23.23 -3.35
C LEU B 87 6.10 22.76 -4.82
N PHE B 88 5.10 21.99 -5.24
CA PHE B 88 5.00 21.51 -6.63
C PHE B 88 4.09 22.39 -7.47
N GLY B 89 3.14 23.08 -6.83
CA GLY B 89 2.31 24.08 -7.52
C GLY B 89 1.29 23.37 -8.40
N PHE B 90 0.89 22.16 -8.01
CA PHE B 90 -0.25 21.49 -8.65
C PHE B 90 -1.52 21.80 -7.88
N LYS B 91 -2.65 21.79 -8.58
CA LYS B 91 -3.93 22.10 -7.97
C LYS B 91 -4.39 20.99 -7.03
N HIS B 92 -4.31 19.74 -7.47
CA HIS B 92 -4.88 18.65 -6.68
C HIS B 92 -3.90 17.52 -6.39
N ILE B 93 -4.10 16.86 -5.25
CA ILE B 93 -3.23 15.75 -4.87
C ILE B 93 -3.97 14.59 -4.22
N VAL B 94 -3.62 13.38 -4.65
CA VAL B 94 -4.17 12.14 -4.11
C VAL B 94 -2.99 11.32 -3.58
N PRO B 95 -2.96 11.03 -2.27
CA PRO B 95 -1.87 10.22 -1.74
C PRO B 95 -2.02 8.75 -2.17
N THR B 96 -0.89 8.04 -2.27
CA THR B 96 -0.90 6.60 -2.60
C THR B 96 0.17 5.94 -1.70
N HIS B 97 0.14 4.62 -1.51
CA HIS B 97 1.06 4.01 -0.57
C HIS B 97 2.49 4.10 -1.05
N GLN B 98 2.72 4.08 -2.37
CA GLN B 98 4.02 4.45 -2.94
C GLN B 98 3.84 4.72 -4.45
N GLY B 99 4.95 4.84 -5.18
CA GLY B 99 4.93 5.27 -6.58
C GLY B 99 4.05 4.46 -7.52
N ARG B 100 4.17 3.13 -7.49
CA ARG B 100 3.47 2.32 -8.48
C ARG B 100 1.95 2.33 -8.21
N GLY B 101 1.54 2.68 -6.99
CA GLY B 101 0.11 2.90 -6.75
C GLY B 101 -0.43 4.12 -7.50
N ALA B 102 0.40 5.17 -7.58
CA ALA B 102 0.04 6.40 -8.27
C ALA B 102 0.08 6.16 -9.78
N GLU B 103 1.05 5.36 -10.24
CA GLU B 103 1.13 4.97 -11.66
C GLU B 103 -0.08 4.15 -12.13
N ASN B 104 -0.52 3.21 -11.29
CA ASN B 104 -1.75 2.44 -11.56
C ASN B 104 -2.93 3.37 -11.87
N LEU B 105 -3.20 4.31 -10.96
CA LEU B 105 -4.24 5.32 -11.12
C LEU B 105 -4.05 6.14 -12.39
N LEU B 106 -2.87 6.72 -12.59
CA LEU B 106 -2.67 7.57 -13.77
C LEU B 106 -3.02 6.83 -15.07
N SER B 107 -2.42 5.66 -15.25
CA SER B 107 -2.58 4.95 -16.49
C SER B 107 -4.04 4.55 -16.76
N GLN B 108 -4.78 4.24 -15.70
CA GLN B 108 -6.20 3.91 -15.88
C GLN B 108 -7.00 5.17 -16.23
N LEU B 109 -6.58 6.31 -15.70
CA LEU B 109 -7.35 7.53 -15.88
C LEU B 109 -7.13 8.14 -17.25
N ALA B 110 -5.95 7.92 -17.82
CA ALA B 110 -5.44 8.79 -18.87
C ALA B 110 -5.15 8.08 -20.20
N ILE B 111 -5.42 6.79 -20.28
CA ILE B 111 -5.11 6.04 -21.48
C ILE B 111 -6.33 5.33 -22.03
N LYS B 112 -6.56 5.49 -23.33
CA LYS B 112 -7.51 4.66 -24.06
C LYS B 112 -6.71 3.64 -24.85
N PRO B 113 -7.22 2.41 -24.93
CA PRO B 113 -6.55 1.34 -25.68
C PRO B 113 -6.09 1.74 -27.08
N GLY B 114 -4.84 1.43 -27.39
CA GLY B 114 -4.31 1.69 -28.72
C GLY B 114 -3.54 3.00 -28.79
N GLN B 115 -3.66 3.81 -27.74
CA GLN B 115 -2.98 5.09 -27.70
C GLN B 115 -1.51 4.91 -27.36
N TYR B 116 -0.71 5.93 -27.67
CA TYR B 116 0.71 5.92 -27.35
C TYR B 116 1.04 6.73 -26.10
N VAL B 117 2.03 6.26 -25.36
CA VAL B 117 2.65 7.07 -24.35
C VAL B 117 4.13 7.16 -24.68
N ALA B 118 4.65 8.38 -24.77
CA ALA B 118 6.05 8.55 -25.13
C ALA B 118 6.81 9.15 -23.95
N GLY B 119 8.05 8.71 -23.75
CA GLY B 119 8.82 9.22 -22.62
C GLY B 119 10.33 9.16 -22.82
N ASN B 120 11.06 9.81 -21.93
CA ASN B 120 12.52 9.75 -22.00
C ASN B 120 13.01 8.45 -21.35
N MET B 121 13.18 7.41 -22.17
CA MET B 121 13.37 6.05 -21.67
C MET B 121 12.18 5.65 -20.81
N TYR B 122 12.38 4.69 -19.90
CA TYR B 122 11.26 4.17 -19.14
C TYR B 122 11.75 3.47 -17.86
N PHE B 123 10.79 3.22 -16.97
CA PHE B 123 11.04 2.44 -15.77
C PHE B 123 10.05 1.29 -15.74
N THR B 124 10.46 0.18 -15.14
CA THR B 124 9.69 -1.06 -15.27
C THR B 124 8.21 -0.96 -14.82
N THR B 125 7.94 -0.49 -13.60
CA THR B 125 6.55 -0.40 -13.10
C THR B 125 5.72 0.59 -13.91
N THR B 126 6.33 1.75 -14.18
CA THR B 126 5.67 2.82 -14.94
C THR B 126 5.24 2.29 -16.29
N ARG B 127 6.17 1.71 -17.03
CA ARG B 127 5.88 1.17 -18.36
C ARG B 127 4.91 0.00 -18.31
N TYR B 128 5.02 -0.85 -17.32
CA TYR B 128 4.06 -1.90 -17.16
C TYR B 128 2.61 -1.37 -17.09
N HIS B 129 2.36 -0.42 -16.20
CA HIS B 129 1.01 0.12 -16.06
C HIS B 129 0.50 0.80 -17.31
N GLN B 130 1.38 1.48 -18.03
CA GLN B 130 0.99 2.06 -19.32
C GLN B 130 0.53 0.96 -20.27
N GLU B 131 1.35 -0.08 -20.43
CA GLU B 131 1.03 -1.15 -21.39
C GLU B 131 -0.19 -1.98 -21.03
N LYS B 132 -0.41 -2.28 -19.75
CA LYS B 132 -1.56 -3.12 -19.45
C LYS B 132 -2.89 -2.34 -19.56
N ASN B 133 -2.82 -1.02 -19.60
CA ASN B 133 -4.01 -0.23 -19.96
C ASN B 133 -4.17 0.01 -21.47
N GLY B 134 -3.35 -0.67 -22.26
CA GLY B 134 -3.49 -0.68 -23.72
C GLY B 134 -2.58 0.28 -24.49
N ALA B 135 -1.65 0.95 -23.82
CA ALA B 135 -0.74 1.88 -24.49
C ALA B 135 0.44 1.20 -25.16
N VAL B 136 0.95 1.82 -26.22
CA VAL B 136 2.22 1.41 -26.80
C VAL B 136 3.27 2.43 -26.36
N PHE B 137 4.40 1.94 -25.83
CA PHE B 137 5.47 2.83 -25.43
C PHE B 137 6.40 3.20 -26.57
N VAL B 138 6.79 4.48 -26.60
CA VAL B 138 7.74 5.00 -27.58
C VAL B 138 8.80 5.77 -26.82
N ASP B 139 10.07 5.39 -27.02
CA ASP B 139 11.21 6.06 -26.38
C ASP B 139 11.53 7.32 -27.18
N ILE B 140 11.43 8.50 -26.57
CA ILE B 140 11.83 9.71 -27.29
C ILE B 140 12.98 10.47 -26.64
N VAL B 141 13.76 9.77 -25.79
CA VAL B 141 14.98 10.37 -25.21
C VAL B 141 16.00 10.69 -26.32
N ARG B 142 16.84 11.71 -26.13
CA ARG B 142 17.99 11.94 -27.03
C ARG B 142 18.82 10.66 -27.19
N ASP B 143 19.38 10.46 -28.39
CA ASP B 143 20.18 9.24 -28.68
C ASP B 143 21.40 9.08 -27.76
N GLU B 144 22.03 10.19 -27.40
CA GLU B 144 23.15 10.20 -26.43
C GLU B 144 22.88 9.49 -25.11
N ALA B 145 21.62 9.41 -24.71
CA ALA B 145 21.30 8.79 -23.45
C ALA B 145 21.65 7.30 -23.47
N HIS B 146 21.68 6.71 -24.66
CA HIS B 146 21.95 5.27 -24.81
C HIS B 146 23.44 4.95 -24.95
N ASP B 147 24.29 5.98 -25.00
CA ASP B 147 25.73 5.76 -24.96
C ASP B 147 26.19 5.97 -23.52
N ALA B 148 26.40 4.84 -22.84
CA ALA B 148 26.53 4.82 -21.37
C ALA B 148 27.90 5.33 -20.91
N GLY B 149 28.84 5.46 -21.84
CA GLY B 149 30.14 6.00 -21.51
C GLY B 149 30.30 7.46 -21.88
N LEU B 150 29.25 8.06 -22.44
CA LEU B 150 29.35 9.44 -22.93
C LEU B 150 29.11 10.45 -21.80
N ASN B 151 30.13 11.22 -21.51
CA ASN B 151 30.16 12.15 -20.40
C ASN B 151 29.59 13.50 -20.82
N ILE B 152 28.27 13.62 -20.91
CA ILE B 152 27.67 14.92 -21.22
C ILE B 152 26.52 15.29 -20.27
N ALA B 153 26.25 16.59 -20.15
CA ALA B 153 25.23 17.11 -19.23
C ALA B 153 23.80 16.84 -19.71
N PHE B 154 22.86 16.79 -18.77
CA PHE B 154 21.44 16.69 -19.14
C PHE B 154 21.13 15.62 -20.17
N LYS B 155 21.72 14.45 -19.95
CA LYS B 155 21.59 13.29 -20.80
C LYS B 155 20.17 12.78 -20.78
N GLY B 156 19.36 13.22 -19.83
CA GLY B 156 17.97 12.70 -19.76
C GLY B 156 16.97 13.40 -20.68
N ASP B 157 17.42 14.47 -21.34
CA ASP B 157 16.56 15.29 -22.19
C ASP B 157 15.84 14.52 -23.30
N ILE B 158 14.60 14.90 -23.54
CA ILE B 158 13.82 14.41 -24.65
C ILE B 158 14.26 15.06 -25.97
N ASP B 159 14.33 14.25 -27.02
CA ASP B 159 14.62 14.73 -28.37
C ASP B 159 13.33 15.30 -28.96
N LEU B 160 13.23 16.64 -29.03
CA LEU B 160 12.05 17.29 -29.56
C LEU B 160 11.68 16.79 -30.95
N LYS B 161 12.68 16.41 -31.74
CA LYS B 161 12.40 15.94 -33.10
C LYS B 161 11.70 14.57 -33.07
N LYS B 162 12.04 13.73 -32.11
CA LYS B 162 11.32 12.46 -32.02
C LYS B 162 9.87 12.68 -31.61
N LEU B 163 9.64 13.62 -30.70
CA LEU B 163 8.28 13.95 -30.29
C LEU B 163 7.45 14.46 -31.49
N GLN B 164 7.98 15.46 -32.20
CA GLN B 164 7.37 15.95 -33.45
C GLN B 164 7.06 14.82 -34.45
N LYS B 165 8.03 13.92 -34.62
CA LYS B 165 7.88 12.80 -35.55
C LYS B 165 6.76 11.85 -35.11
N LEU B 166 6.68 11.57 -33.81
CA LEU B 166 5.59 10.78 -33.29
C LEU B 166 4.25 11.49 -33.59
N ILE B 167 4.18 12.79 -33.33
CA ILE B 167 2.94 13.53 -33.56
C ILE B 167 2.51 13.48 -35.02
N ASP B 168 3.45 13.70 -35.94
CA ASP B 168 3.16 13.69 -37.37
C ASP B 168 2.69 12.33 -37.87
N GLU B 169 3.25 11.26 -37.31
CA GLU B 169 2.99 9.91 -37.79
C GLU B 169 1.73 9.25 -37.19
N LYS B 170 1.41 9.55 -35.93
CA LYS B 170 0.28 8.89 -35.27
C LYS B 170 -0.91 9.81 -35.04
N GLY B 171 -0.66 11.11 -35.01
CA GLY B 171 -1.70 12.10 -34.72
C GLY B 171 -1.73 12.41 -33.23
N ALA B 172 -1.94 13.68 -32.87
CA ALA B 172 -2.01 14.11 -31.47
C ALA B 172 -3.10 13.38 -30.69
N GLU B 173 -4.24 13.16 -31.33
CA GLU B 173 -5.36 12.54 -30.66
C GLU B 173 -5.07 11.07 -30.22
N ASN B 174 -4.05 10.45 -30.79
CA ASN B 174 -3.68 9.07 -30.49
C ASN B 174 -2.52 8.94 -29.51
N ILE B 175 -2.08 10.08 -28.99
CA ILE B 175 -1.08 10.11 -27.93
C ILE B 175 -1.74 10.40 -26.59
N ALA B 176 -1.67 9.44 -25.67
CA ALA B 176 -2.33 9.60 -24.38
C ALA B 176 -1.65 10.72 -23.58
N TYR B 177 -0.33 10.62 -23.42
CA TYR B 177 0.46 11.67 -22.77
C TYR B 177 1.95 11.46 -22.98
N ILE B 178 2.72 12.48 -22.67
CA ILE B 178 4.17 12.38 -22.64
C ILE B 178 4.48 12.08 -21.18
N CYS B 179 5.26 11.03 -20.95
CA CYS B 179 5.71 10.70 -19.59
C CYS B 179 7.15 11.18 -19.43
N LEU B 180 7.35 12.29 -18.75
CA LEU B 180 8.70 12.82 -18.62
C LEU B 180 9.20 12.56 -17.21
N ALA B 181 10.28 11.79 -17.11
CA ALA B 181 10.86 11.38 -15.81
C ALA B 181 12.05 12.25 -15.42
N VAL B 182 12.10 12.65 -14.15
CA VAL B 182 13.23 13.37 -13.58
C VAL B 182 13.66 12.69 -12.25
N THR B 183 14.91 12.26 -12.10
CA THR B 183 15.91 12.10 -13.17
C THR B 183 15.51 10.88 -14.01
N VAL B 184 16.36 10.47 -14.96
CA VAL B 184 16.12 9.27 -15.75
C VAL B 184 16.91 8.07 -15.21
N ASN B 185 16.21 7.15 -14.55
CA ASN B 185 16.83 6.01 -13.85
C ASN B 185 17.66 5.10 -14.76
N LEU B 186 17.06 4.64 -15.83
CA LEU B 186 17.68 3.64 -16.71
C LEU B 186 18.93 4.17 -17.44
N ALA B 187 19.06 5.48 -17.55
CA ALA B 187 20.29 6.06 -18.12
C ALA B 187 21.34 6.24 -17.03
N GLY B 188 20.99 5.82 -15.81
CA GLY B 188 21.90 5.87 -14.67
C GLY B 188 21.63 7.04 -13.72
N GLY B 189 20.42 7.58 -13.75
CA GLY B 189 20.07 8.75 -12.91
C GLY B 189 20.44 10.10 -13.55
N GLN B 190 20.22 10.25 -14.85
CA GLN B 190 20.61 11.45 -15.59
C GLN B 190 19.52 12.56 -15.55
N PRO B 191 19.95 13.82 -15.34
CA PRO B 191 18.96 14.86 -15.23
C PRO B 191 18.41 15.38 -16.57
N VAL B 192 17.31 16.14 -16.46
CA VAL B 192 16.62 16.78 -17.59
C VAL B 192 16.66 18.29 -17.35
N SER B 193 16.95 19.07 -18.38
CA SER B 193 17.13 20.51 -18.22
C SER B 193 15.78 21.23 -18.18
N MET B 194 15.74 22.43 -17.59
CA MET B 194 14.55 23.26 -17.61
C MET B 194 14.20 23.66 -19.03
N ALA B 195 15.20 23.99 -19.84
CA ALA B 195 14.88 24.34 -21.24
C ALA B 195 14.14 23.20 -21.93
N ASN B 196 14.59 21.96 -21.68
CA ASN B 196 13.90 20.81 -22.27
C ASN B 196 12.47 20.68 -21.79
N MET B 197 12.25 20.86 -20.49
CA MET B 197 10.91 20.75 -19.93
C MET B 197 10.00 21.83 -20.53
N ARG B 198 10.54 23.01 -20.75
CA ARG B 198 9.72 24.06 -21.34
C ARG B 198 9.46 23.77 -22.80
N ALA B 199 10.48 23.30 -23.52
CA ALA B 199 10.29 23.03 -24.95
C ALA B 199 9.20 21.97 -25.12
N VAL B 200 9.21 20.98 -24.25
CA VAL B 200 8.23 19.92 -24.33
C VAL B 200 6.84 20.43 -23.96
N ARG B 201 6.75 21.28 -22.94
CA ARG B 201 5.45 21.84 -22.57
C ARG B 201 4.84 22.59 -23.73
N GLU B 202 5.64 23.43 -24.40
CA GLU B 202 5.13 24.26 -25.49
C GLU B 202 4.70 23.45 -26.71
N LEU B 203 5.49 22.45 -27.09
CA LEU B 203 5.11 21.63 -28.25
C LEU B 203 3.85 20.82 -27.94
N THR B 204 3.81 20.17 -26.79
CA THR B 204 2.66 19.37 -26.43
C THR B 204 1.40 20.26 -26.32
N GLU B 205 1.53 21.44 -25.71
CA GLU B 205 0.38 22.33 -25.48
C GLU B 205 -0.24 22.81 -26.78
N ALA B 206 0.58 23.03 -27.80
CA ALA B 206 0.08 23.51 -29.07
C ALA B 206 -0.77 22.41 -29.74
N HIS B 207 -0.55 21.16 -29.36
CA HIS B 207 -1.30 20.06 -29.96
C HIS B 207 -2.35 19.50 -29.00
N GLY B 208 -2.51 20.09 -27.83
CA GLY B 208 -3.47 19.58 -26.84
C GLY B 208 -3.04 18.31 -26.11
N ILE B 209 -1.76 17.98 -26.18
CA ILE B 209 -1.29 16.73 -25.60
C ILE B 209 -0.93 16.96 -24.12
N LYS B 210 -1.24 16.00 -23.25
CA LYS B 210 -0.93 16.15 -21.84
C LYS B 210 0.45 15.63 -21.51
N VAL B 211 1.08 16.23 -20.50
CA VAL B 211 2.38 15.78 -20.01
C VAL B 211 2.32 15.45 -18.52
N PHE B 212 2.73 14.24 -18.14
CA PHE B 212 2.79 13.91 -16.70
C PHE B 212 4.20 13.55 -16.30
N TYR B 213 4.66 14.06 -15.17
CA TYR B 213 6.03 13.78 -14.76
C TYR B 213 6.08 12.59 -13.84
N ASP B 214 7.15 11.79 -13.97
CA ASP B 214 7.52 10.82 -12.95
C ASP B 214 8.54 11.57 -12.11
N ALA B 215 8.08 12.11 -10.99
CA ALA B 215 8.80 13.07 -10.17
C ALA B 215 9.69 12.43 -9.09
N THR B 216 9.82 11.12 -9.11
CA THR B 216 10.51 10.32 -8.09
C THR B 216 11.85 10.91 -7.61
N ARG B 217 12.69 11.37 -8.54
CA ARG B 217 13.93 12.03 -8.10
C ARG B 217 14.00 13.47 -8.63
N CYS B 218 12.89 14.21 -8.50
CA CYS B 218 12.83 15.58 -9.00
C CYS B 218 13.76 16.53 -8.28
N VAL B 219 14.12 16.22 -7.03
CA VAL B 219 14.96 17.14 -6.23
C VAL B 219 16.43 17.00 -6.63
N GLU B 220 16.91 15.76 -6.76
CA GLU B 220 18.20 15.49 -7.39
C GLU B 220 18.28 16.22 -8.75
N ASN B 221 17.22 16.09 -9.55
CA ASN B 221 17.17 16.79 -10.85
C ASN B 221 17.30 18.30 -10.71
N ALA B 222 16.58 18.88 -9.76
CA ALA B 222 16.66 20.31 -9.51
C ALA B 222 18.09 20.69 -9.10
N TYR B 223 18.77 19.84 -8.35
CA TYR B 223 20.15 20.18 -7.97
C TYR B 223 21.04 20.30 -9.24
N PHE B 224 20.94 19.35 -10.15
CA PHE B 224 21.72 19.44 -11.40
C PHE B 224 21.40 20.74 -12.17
N ILE B 225 20.15 21.15 -12.23
CA ILE B 225 19.81 22.40 -12.95
C ILE B 225 20.45 23.60 -12.25
N LYS B 226 20.38 23.64 -10.91
CA LYS B 226 21.03 24.73 -10.15
C LYS B 226 22.54 24.76 -10.39
N GLU B 227 23.14 23.57 -10.43
CA GLU B 227 24.58 23.49 -10.55
C GLU B 227 25.05 23.74 -11.98
N GLN B 228 24.32 23.24 -12.98
CA GLN B 228 24.84 23.25 -14.37
C GLN B 228 24.06 24.02 -15.45
N GLU B 229 22.80 24.38 -15.23
CA GLU B 229 22.06 25.05 -16.29
C GLU B 229 22.18 26.56 -16.15
N GLN B 230 22.71 27.25 -17.14
CA GLN B 230 22.95 28.67 -16.88
C GLN B 230 21.68 29.50 -16.73
N GLY B 231 21.76 30.50 -15.87
CA GLY B 231 20.57 31.23 -15.50
C GLY B 231 19.91 30.77 -14.20
N PHE B 232 20.31 29.61 -13.68
CA PHE B 232 19.71 29.10 -12.44
C PHE B 232 20.60 29.22 -11.22
N GLU B 233 21.75 29.84 -11.38
CA GLU B 233 22.66 30.08 -10.27
C GLU B 233 22.00 30.87 -9.11
N ASN B 234 21.11 31.80 -9.41
CA ASN B 234 20.44 32.60 -8.35
C ASN B 234 19.09 32.04 -7.86
N LYS B 235 18.74 30.83 -8.26
CA LYS B 235 17.44 30.27 -7.88
C LYS B 235 17.59 29.28 -6.71
N SER B 236 16.59 29.21 -5.85
CA SER B 236 16.62 28.24 -4.78
C SER B 236 16.18 26.90 -5.36
N ILE B 237 16.54 25.81 -4.68
CA ILE B 237 16.07 24.49 -5.08
C ILE B 237 14.54 24.52 -5.21
N ALA B 238 13.86 25.11 -4.24
CA ALA B 238 12.39 25.22 -4.26
C ALA B 238 11.84 26.01 -5.47
N GLU B 239 12.46 27.13 -5.79
CA GLU B 239 12.05 27.87 -6.99
C GLU B 239 12.19 27.02 -8.23
N ILE B 240 13.28 26.25 -8.31
CA ILE B 240 13.54 25.40 -9.46
C ILE B 240 12.51 24.27 -9.56
N VAL B 241 12.19 23.68 -8.41
CA VAL B 241 11.25 22.56 -8.35
C VAL B 241 9.85 23.04 -8.78
N HIS B 242 9.49 24.23 -8.31
CA HIS B 242 8.19 24.75 -8.62
C HIS B 242 8.11 25.07 -10.11
N GLU B 243 9.16 25.68 -10.66
CA GLU B 243 9.19 25.96 -12.09
C GLU B 243 9.14 24.66 -12.93
N MET B 244 9.89 23.64 -12.53
CA MET B 244 9.83 22.34 -13.25
C MET B 244 8.38 21.87 -13.45
N PHE B 245 7.62 21.85 -12.36
CA PHE B 245 6.28 21.29 -12.41
C PHE B 245 5.25 22.19 -13.08
N SER B 246 5.59 23.47 -13.31
CA SER B 246 4.65 24.37 -13.97
C SER B 246 4.52 23.98 -15.45
N TYR B 247 5.41 23.09 -15.89
CA TYR B 247 5.41 22.62 -17.27
C TYR B 247 4.74 21.25 -17.42
N ALA B 248 4.01 20.83 -16.39
CA ALA B 248 3.37 19.52 -16.43
C ALA B 248 1.89 19.67 -16.12
N ASP B 249 1.12 18.68 -16.52
CA ASP B 249 -0.30 18.61 -16.17
C ASP B 249 -0.53 17.88 -14.86
N GLY B 250 0.52 17.25 -14.34
CA GLY B 250 0.43 16.48 -13.09
C GLY B 250 1.65 15.59 -12.88
N CYS B 251 1.64 14.73 -11.88
CA CYS B 251 2.77 13.85 -11.72
C CYS B 251 2.44 12.62 -10.91
N THR B 252 3.33 11.62 -10.97
CA THR B 252 3.28 10.49 -10.05
C THR B 252 4.58 10.58 -9.23
N MET B 253 4.51 10.23 -7.95
CA MET B 253 5.66 10.42 -7.11
C MET B 253 5.88 9.23 -6.18
N SER B 254 7.10 8.69 -6.19
CA SER B 254 7.54 7.79 -5.14
C SER B 254 8.23 8.62 -4.06
N GLY B 255 7.52 8.88 -2.95
CA GLY B 255 8.11 9.66 -1.85
C GLY B 255 9.29 8.90 -1.25
N LYS B 256 9.30 7.59 -1.45
CA LYS B 256 10.37 6.69 -0.94
C LYS B 256 11.74 7.08 -1.48
N LYS B 257 11.76 7.89 -2.53
CA LYS B 257 13.03 8.45 -3.00
C LYS B 257 13.23 9.88 -2.47
N ASP B 258 12.94 10.92 -3.25
CA ASP B 258 13.27 12.26 -2.82
C ASP B 258 12.46 12.92 -1.67
N CYS B 259 11.37 12.33 -1.20
CA CYS B 259 10.70 12.90 0.00
C CYS B 259 11.28 12.36 1.32
N LEU B 260 12.37 11.59 1.23
CA LEU B 260 13.13 11.22 2.45
C LEU B 260 12.31 10.39 3.44
N VAL B 261 11.54 9.43 2.93
CA VAL B 261 10.74 8.55 3.79
C VAL B 261 10.95 7.06 3.47
N ASN B 262 10.41 6.19 4.31
CA ASN B 262 10.50 4.75 4.12
C ASN B 262 9.33 4.12 3.38
N ILE B 263 8.26 4.90 3.21
CA ILE B 263 7.02 4.45 2.54
C ILE B 263 6.25 5.71 2.12
N GLY B 264 5.46 5.65 1.05
CA GLY B 264 4.64 6.81 0.67
C GLY B 264 4.84 7.28 -0.77
N GLY B 265 3.80 7.83 -1.38
CA GLY B 265 3.90 8.47 -2.69
C GLY B 265 2.62 9.23 -2.96
N PHE B 266 2.45 9.75 -4.18
CA PHE B 266 1.22 10.44 -4.48
C PHE B 266 1.08 10.76 -5.96
N LEU B 267 -0.15 11.12 -6.34
CA LEU B 267 -0.54 11.54 -7.66
C LEU B 267 -1.00 12.99 -7.61
N CYS B 268 -0.50 13.83 -8.52
CA CYS B 268 -0.99 15.18 -8.70
C CYS B 268 -1.53 15.43 -10.07
N MET B 269 -2.49 16.36 -10.14
CA MET B 269 -2.96 16.89 -11.41
C MET B 269 -3.58 18.29 -11.23
N ASN B 270 -3.71 19.01 -12.33
CA ASN B 270 -4.33 20.34 -12.32
C ASN B 270 -5.80 20.30 -12.73
N ASP B 271 -6.18 19.25 -13.46
CA ASP B 271 -7.51 19.16 -14.06
C ASP B 271 -8.56 18.66 -13.06
N ASP B 272 -9.63 19.43 -12.90
CA ASP B 272 -10.70 19.12 -11.95
C ASP B 272 -11.40 17.79 -12.23
N GLU B 273 -11.73 17.55 -13.49
CA GLU B 273 -12.45 16.35 -13.86
C GLU B 273 -11.60 15.10 -13.59
N MET B 274 -10.32 15.16 -13.95
CA MET B 274 -9.43 14.06 -13.66
C MET B 274 -9.28 13.81 -12.15
N PHE B 275 -9.21 14.90 -11.37
CA PHE B 275 -9.09 14.78 -9.91
C PHE B 275 -10.32 14.05 -9.38
N SER B 276 -11.50 14.42 -9.87
CA SER B 276 -12.72 13.71 -9.52
C SER B 276 -12.68 12.17 -9.83
N SER B 277 -12.27 11.83 -11.05
CA SER B 277 -12.12 10.43 -11.47
C SER B 277 -11.06 9.70 -10.66
N ALA B 278 -9.97 10.37 -10.34
CA ALA B 278 -8.90 9.76 -9.54
C ALA B 278 -9.40 9.38 -8.13
N LYS B 279 -10.24 10.24 -7.54
CA LYS B 279 -10.82 9.95 -6.22
C LYS B 279 -11.81 8.79 -6.30
N GLU B 280 -12.48 8.63 -7.43
CA GLU B 280 -13.35 7.47 -7.62
C GLU B 280 -12.54 6.17 -7.66
N LEU B 281 -11.31 6.23 -8.16
CA LEU B 281 -10.49 5.02 -8.35
C LEU B 281 -9.57 4.72 -7.17
N VAL B 282 -9.10 5.76 -6.48
CA VAL B 282 -8.12 5.55 -5.44
C VAL B 282 -8.71 4.61 -4.38
N VAL B 283 -10.02 4.68 -4.15
CA VAL B 283 -10.65 3.84 -3.11
C VAL B 283 -10.67 2.34 -3.47
N VAL B 284 -10.50 2.03 -4.75
CA VAL B 284 -10.48 0.66 -5.25
C VAL B 284 -9.21 -0.10 -4.82
N TYR B 285 -8.06 0.57 -4.91
CA TYR B 285 -6.78 -0.09 -4.73
C TYR B 285 -6.00 0.34 -3.50
N GLU B 286 -6.19 1.59 -3.05
CA GLU B 286 -5.27 2.23 -2.09
C GLU B 286 -5.94 2.58 -0.75
N GLY B 287 -6.99 3.42 -0.83
CA GLY B 287 -7.73 3.95 0.33
C GLY B 287 -8.39 5.30 0.00
N MET B 288 -8.76 6.07 1.03
CA MET B 288 -9.50 7.33 0.81
C MET B 288 -8.68 8.37 0.10
N PRO B 289 -9.35 9.35 -0.51
CA PRO B 289 -8.57 10.47 -1.05
C PRO B 289 -7.70 11.10 0.04
N SER B 290 -8.02 10.83 1.29
CA SER B 290 -7.32 11.47 2.42
C SER B 290 -6.51 10.50 3.28
N TYR B 291 -6.18 9.32 2.76
CA TYR B 291 -5.01 8.61 3.32
C TYR B 291 -4.27 7.79 2.26
N GLY B 292 -4.99 7.26 1.26
CA GLY B 292 -4.37 6.63 0.08
C GLY B 292 -3.47 5.43 0.39
N GLY B 293 -3.79 4.70 1.46
CA GLY B 293 -3.05 3.52 1.83
C GLY B 293 -1.86 3.78 2.72
N LEU B 294 -1.82 4.98 3.31
CA LEU B 294 -0.80 5.33 4.26
C LEU B 294 -1.42 5.57 5.66
N ALA B 295 -0.69 5.17 6.70
CA ALA B 295 -0.98 5.62 8.05
C ALA B 295 -0.92 7.16 8.13
N GLY B 296 -1.68 7.77 9.05
CA GLY B 296 -1.59 9.24 9.19
C GLY B 296 -0.14 9.69 9.49
N ARG B 297 0.58 8.93 10.32
CA ARG B 297 1.95 9.36 10.68
C ARG B 297 2.85 9.45 9.46
N ASP B 298 2.62 8.57 8.49
CA ASP B 298 3.41 8.56 7.26
C ASP B 298 3.10 9.71 6.28
N MET B 299 1.84 10.15 6.17
CA MET B 299 1.58 11.37 5.43
C MET B 299 2.30 12.54 6.09
N GLU B 300 2.36 12.52 7.43
CA GLU B 300 3.03 13.57 8.19
C GLU B 300 4.53 13.55 7.92
N ALA B 301 5.14 12.37 7.98
CA ALA B 301 6.59 12.26 7.76
C ALA B 301 6.93 12.65 6.33
N MET B 302 6.06 12.32 5.38
CA MET B 302 6.31 12.68 3.97
C MET B 302 6.13 14.18 3.71
N ALA B 303 5.21 14.82 4.40
CA ALA B 303 5.01 16.27 4.28
C ALA B 303 6.23 16.99 4.83
N ILE B 304 6.72 16.52 5.96
CA ILE B 304 7.90 17.10 6.57
C ILE B 304 9.15 16.78 5.71
N GLY B 305 9.32 15.54 5.26
CA GLY B 305 10.50 15.16 4.44
C GLY B 305 10.62 15.93 3.11
N LEU B 306 9.49 16.13 2.42
CA LEU B 306 9.55 16.83 1.13
C LEU B 306 10.04 18.25 1.34
N ARG B 307 9.57 18.88 2.42
CA ARG B 307 10.01 20.25 2.68
C ARG B 307 11.52 20.28 3.05
N GLU B 308 12.03 19.28 3.80
CA GLU B 308 13.48 19.23 4.14
C GLU B 308 14.35 19.07 2.92
N ALA B 309 13.84 18.35 1.93
CA ALA B 309 14.54 18.08 0.69
C ALA B 309 14.80 19.35 -0.11
N MET B 310 14.06 20.43 0.14
CA MET B 310 14.32 21.72 -0.53
C MET B 310 15.60 22.42 -0.05
N GLN B 311 16.13 22.03 1.09
CA GLN B 311 17.33 22.70 1.58
C GLN B 311 18.52 22.48 0.63
N TYR B 312 19.10 23.57 0.14
CA TYR B 312 20.22 23.48 -0.78
C TYR B 312 21.35 22.56 -0.27
N GLU B 313 21.78 22.78 0.96
CA GLU B 313 22.96 22.10 1.50
C GLU B 313 22.70 20.58 1.58
N TYR B 314 21.47 20.21 1.92
CA TYR B 314 21.10 18.80 1.97
C TYR B 314 21.25 18.10 0.60
N ILE B 315 20.66 18.66 -0.45
CA ILE B 315 20.66 17.96 -1.73
C ILE B 315 22.02 18.08 -2.43
N GLU B 316 22.71 19.21 -2.21
CA GLU B 316 24.10 19.33 -2.67
C GLU B 316 24.97 18.20 -2.11
N HIS B 317 24.86 17.96 -0.81
CA HIS B 317 25.66 16.91 -0.19
C HIS B 317 25.23 15.51 -0.64
N ARG B 318 23.92 15.32 -0.81
CA ARG B 318 23.39 14.02 -1.26
C ARG B 318 23.98 13.66 -2.62
N VAL B 319 23.95 14.60 -3.56
CA VAL B 319 24.43 14.34 -4.91
C VAL B 319 25.98 14.25 -4.98
N LYS B 320 26.67 15.13 -4.26
CA LYS B 320 28.14 15.06 -4.20
C LYS B 320 28.72 13.85 -3.44
N GLN B 321 27.95 13.28 -2.54
CA GLN B 321 28.40 12.06 -1.88
C GLN B 321 28.40 10.88 -2.88
N VAL B 322 27.36 10.80 -3.70
CA VAL B 322 27.33 9.79 -4.74
C VAL B 322 28.47 10.05 -5.73
N ARG B 323 28.66 11.33 -6.06
CA ARG B 323 29.70 11.74 -7.02
C ARG B 323 31.08 11.39 -6.46
N TYR B 324 31.25 11.57 -5.16
CA TYR B 324 32.51 11.20 -4.52
C TYR B 324 32.85 9.74 -4.77
N LEU B 325 31.85 8.86 -4.65
CA LEU B 325 32.06 7.45 -4.87
C LEU B 325 32.45 7.20 -6.34
N GLY B 326 31.74 7.85 -7.27
CA GLY B 326 32.08 7.69 -8.70
C GLY B 326 33.48 8.20 -9.05
N ASP B 327 33.83 9.38 -8.54
CA ASP B 327 35.11 9.98 -8.83
C ASP B 327 36.23 9.07 -8.37
N LYS B 328 36.08 8.54 -7.15
CA LYS B 328 37.10 7.68 -6.58
C LYS B 328 37.32 6.40 -7.40
N LEU B 329 36.22 5.80 -7.86
CA LEU B 329 36.29 4.57 -8.65
C LEU B 329 36.97 4.89 -9.97
N LYS B 330 36.52 5.96 -10.58
CA LYS B 330 36.98 6.31 -11.90
C LYS B 330 38.47 6.71 -11.88
N ALA B 331 38.90 7.39 -10.83
CA ALA B 331 40.31 7.78 -10.74
C ALA B 331 41.25 6.56 -10.67
N ALA B 332 40.74 5.44 -10.18
CA ALA B 332 41.52 4.20 -10.19
C ALA B 332 41.29 3.35 -11.44
N GLY B 333 40.57 3.88 -12.45
CA GLY B 333 40.34 3.12 -13.70
C GLY B 333 39.18 2.11 -13.64
N VAL B 334 38.37 2.13 -12.59
CA VAL B 334 37.22 1.23 -12.53
C VAL B 334 36.14 1.72 -13.49
N PRO B 335 35.65 0.85 -14.39
CA PRO B 335 34.70 1.32 -15.43
C PRO B 335 33.30 1.53 -14.89
N ILE B 336 32.74 2.73 -15.09
CA ILE B 336 31.40 3.07 -14.60
C ILE B 336 30.55 3.72 -15.69
N VAL B 337 29.22 3.74 -15.50
CA VAL B 337 28.34 4.49 -16.38
C VAL B 337 28.65 5.96 -16.13
N GLU B 338 28.78 6.75 -17.19
CA GLU B 338 29.01 8.20 -17.02
C GLU B 338 27.96 9.05 -17.74
N PRO B 339 27.78 10.30 -17.28
CA PRO B 339 28.35 10.73 -16.00
C PRO B 339 27.60 10.10 -14.82
N VAL B 340 28.17 10.23 -13.62
CA VAL B 340 27.49 9.66 -12.45
C VAL B 340 26.15 10.37 -12.23
N GLY B 341 25.10 9.60 -11.92
CA GLY B 341 23.75 10.17 -11.71
C GLY B 341 23.48 10.67 -10.29
N GLY B 342 22.23 11.02 -9.98
CA GLY B 342 21.90 11.59 -8.67
C GLY B 342 21.92 10.65 -7.48
N HIS B 343 21.76 9.35 -7.72
CA HIS B 343 21.33 8.43 -6.64
C HIS B 343 22.17 7.14 -6.57
N ALA B 344 23.01 6.89 -7.58
CA ALA B 344 23.74 5.64 -7.66
C ALA B 344 24.94 5.74 -8.57
N VAL B 345 25.85 4.79 -8.40
CA VAL B 345 26.92 4.52 -9.33
C VAL B 345 26.71 3.11 -9.91
N PHE B 346 26.87 2.99 -11.22
CA PHE B 346 26.72 1.72 -11.93
C PHE B 346 28.11 1.29 -12.41
N LEU B 347 28.59 0.17 -11.89
CA LEU B 347 29.80 -0.42 -12.39
C LEU B 347 29.51 -1.11 -13.72
N ASP B 348 30.40 -0.95 -14.68
CA ASP B 348 30.30 -1.73 -15.92
C ASP B 348 30.95 -3.10 -15.75
N ALA B 349 30.15 -4.10 -15.44
CA ALA B 349 30.64 -5.44 -15.15
C ALA B 349 31.13 -6.15 -16.41
N ARG B 350 30.59 -5.76 -17.55
CA ARG B 350 31.09 -6.36 -18.78
C ARG B 350 32.58 -6.06 -18.94
N ARG B 351 32.94 -4.81 -18.74
CA ARG B 351 34.33 -4.40 -18.90
C ARG B 351 35.13 -4.82 -17.66
N PHE B 352 34.50 -4.76 -16.48
CA PHE B 352 35.17 -5.14 -15.25
C PHE B 352 35.58 -6.63 -15.35
N CYS B 353 34.70 -7.46 -15.89
CA CYS B 353 34.97 -8.88 -15.96
C CYS B 353 35.04 -9.33 -17.41
N GLU B 354 35.94 -8.71 -18.17
CA GLU B 354 36.01 -9.01 -19.60
C GLU B 354 36.57 -10.40 -19.94
N HIS B 355 36.97 -11.18 -18.93
CA HIS B 355 37.40 -12.58 -19.14
C HIS B 355 36.19 -13.53 -19.09
N LEU B 356 35.03 -13.00 -18.73
CA LEU B 356 33.79 -13.76 -18.62
C LEU B 356 32.80 -13.35 -19.73
N THR B 357 32.00 -14.31 -20.19
CA THR B 357 30.94 -14.03 -21.15
C THR B 357 29.68 -13.68 -20.39
N GLN B 358 28.74 -13.02 -21.06
CA GLN B 358 27.51 -12.60 -20.38
C GLN B 358 26.76 -13.83 -19.81
N ASP B 359 26.90 -14.98 -20.47
CA ASP B 359 26.24 -16.19 -20.01
C ASP B 359 26.85 -16.72 -18.71
N GLU B 360 27.96 -16.14 -18.28
CA GLU B 360 28.59 -16.52 -17.02
C GLU B 360 28.23 -15.50 -15.92
N PHE B 361 27.29 -14.61 -16.22
CA PHE B 361 26.73 -13.66 -15.25
C PHE B 361 27.78 -12.83 -14.49
N PRO B 362 28.58 -12.04 -15.24
CA PRO B 362 29.62 -11.21 -14.62
C PRO B 362 29.07 -10.18 -13.61
N ALA B 363 27.93 -9.55 -13.86
CA ALA B 363 27.38 -8.61 -12.88
C ALA B 363 26.91 -9.32 -11.58
N GLN B 364 26.17 -10.43 -11.72
CA GLN B 364 25.76 -11.19 -10.55
C GLN B 364 27.01 -11.61 -9.74
N SER B 365 28.04 -12.08 -10.44
CA SER B 365 29.24 -12.56 -9.76
C SER B 365 30.05 -11.43 -9.11
N LEU B 366 30.20 -10.31 -9.80
CA LEU B 366 30.82 -9.16 -9.22
C LEU B 366 30.06 -8.68 -7.96
N ALA B 367 28.72 -8.64 -8.01
CA ALA B 367 27.96 -8.24 -6.83
C ALA B 367 28.26 -9.17 -5.63
N ALA B 368 28.37 -10.47 -5.88
CA ALA B 368 28.67 -11.43 -4.80
C ALA B 368 30.08 -11.20 -4.22
N SER B 369 31.04 -10.95 -5.10
CA SER B 369 32.42 -10.70 -4.69
C SER B 369 32.51 -9.46 -3.80
N ILE B 370 31.80 -8.41 -4.18
CA ILE B 370 31.84 -7.17 -3.46
C ILE B 370 31.34 -7.37 -2.03
N TYR B 371 30.28 -8.16 -1.86
CA TYR B 371 29.76 -8.43 -0.51
C TYR B 371 30.77 -9.24 0.32
N VAL B 372 31.32 -10.29 -0.27
CA VAL B 372 32.30 -11.12 0.41
C VAL B 372 33.49 -10.27 0.87
N GLU B 373 33.97 -9.40 -0.03
CA GLU B 373 35.16 -8.61 0.31
C GLU B 373 34.91 -7.41 1.24
N THR B 374 33.67 -6.92 1.36
CA THR B 374 33.46 -5.63 2.08
C THR B 374 32.23 -5.56 3.00
N GLY B 375 31.34 -6.54 2.92
CA GLY B 375 30.08 -6.41 3.63
C GLY B 375 29.09 -5.46 2.97
N VAL B 376 29.36 -5.08 1.72
CA VAL B 376 28.45 -4.21 0.96
C VAL B 376 27.53 -4.99 0.03
N ARG B 377 26.21 -4.76 0.13
CA ARG B 377 25.26 -5.33 -0.82
C ARG B 377 24.97 -4.36 -1.95
N SER B 378 25.09 -4.84 -3.20
CA SER B 378 24.78 -4.03 -4.39
C SER B 378 23.79 -4.85 -5.23
N MET B 379 23.17 -4.22 -6.22
CA MET B 379 22.16 -4.92 -7.02
C MET B 379 22.64 -5.30 -8.42
N GLU B 380 22.41 -6.54 -8.81
CA GLU B 380 22.60 -6.95 -10.21
C GLU B 380 21.63 -6.19 -11.11
N ARG B 381 22.14 -5.53 -12.15
CA ARG B 381 21.27 -4.94 -13.19
C ARG B 381 21.88 -5.31 -14.55
N GLY B 382 21.72 -6.58 -14.92
CA GLY B 382 22.31 -7.16 -16.10
C GLY B 382 21.45 -8.28 -16.64
N ILE B 383 22.10 -9.27 -17.26
CA ILE B 383 21.40 -10.39 -17.88
C ILE B 383 20.42 -11.07 -16.90
N ILE B 384 20.77 -11.20 -15.63
CA ILE B 384 19.88 -11.92 -14.71
C ILE B 384 18.55 -11.19 -14.49
N SER B 385 18.62 -9.93 -14.12
CA SER B 385 17.41 -9.11 -14.00
C SER B 385 16.63 -8.97 -15.31
N ALA B 386 17.32 -9.09 -16.43
CA ALA B 386 16.63 -8.99 -17.71
C ALA B 386 15.64 -10.16 -17.92
N GLY B 387 15.89 -11.27 -17.25
CA GLY B 387 14.97 -12.40 -17.33
C GLY B 387 15.18 -13.26 -18.58
N ARG B 388 14.28 -14.23 -18.78
CA ARG B 388 14.39 -15.20 -19.84
C ARG B 388 13.14 -15.12 -20.71
N ASN B 389 13.31 -15.14 -22.03
CA ASN B 389 12.19 -15.30 -22.95
C ASN B 389 11.59 -16.71 -22.70
N ASN B 390 10.36 -16.76 -22.19
CA ASN B 390 9.72 -18.05 -21.86
C ASN B 390 9.17 -18.75 -23.11
N VAL B 391 8.93 -17.96 -24.16
CA VAL B 391 8.58 -18.51 -25.48
C VAL B 391 9.75 -19.32 -26.10
N THR B 392 10.91 -18.68 -26.22
CA THR B 392 12.06 -19.30 -26.89
C THR B 392 13.06 -19.95 -25.92
N GLY B 393 12.97 -19.59 -24.64
CA GLY B 393 13.86 -20.16 -23.65
C GLY B 393 15.23 -19.50 -23.59
N GLU B 394 15.45 -18.48 -24.41
CA GLU B 394 16.73 -17.76 -24.41
C GLU B 394 16.73 -16.62 -23.39
N HIS B 395 17.90 -16.33 -22.81
CA HIS B 395 18.08 -15.08 -22.06
C HIS B 395 17.64 -13.88 -22.90
N HIS B 396 16.95 -12.93 -22.29
CA HIS B 396 17.01 -11.57 -22.78
C HIS B 396 18.40 -11.04 -22.53
N ARG B 397 19.02 -10.50 -23.56
CA ARG B 397 20.41 -10.11 -23.43
C ARG B 397 20.54 -8.58 -23.41
N PRO B 398 20.70 -7.98 -22.23
CA PRO B 398 20.73 -6.52 -22.24
C PRO B 398 22.09 -5.95 -22.63
N LYS B 399 22.09 -4.77 -23.26
CA LYS B 399 23.34 -4.10 -23.56
C LYS B 399 24.10 -3.66 -22.29
N LEU B 400 23.37 -3.27 -21.25
CA LEU B 400 24.03 -2.88 -20.02
C LEU B 400 24.13 -4.10 -19.11
N GLU B 401 25.37 -4.47 -18.79
CA GLU B 401 25.62 -5.52 -17.80
C GLU B 401 26.27 -4.81 -16.62
N THR B 402 25.47 -4.42 -15.63
CA THR B 402 25.95 -3.53 -14.56
C THR B 402 25.67 -4.02 -13.15
N VAL B 403 26.46 -3.52 -12.20
CA VAL B 403 26.18 -3.63 -10.77
C VAL B 403 25.84 -2.24 -10.23
N ARG B 404 24.67 -2.12 -9.60
CA ARG B 404 24.19 -0.82 -9.11
C ARG B 404 24.55 -0.63 -7.62
N LEU B 405 25.32 0.43 -7.34
CA LEU B 405 25.65 0.85 -6.00
C LEU B 405 24.71 2.01 -5.65
N THR B 406 23.58 1.66 -5.02
CA THR B 406 22.50 2.61 -4.87
C THR B 406 22.54 3.24 -3.47
N ILE B 407 22.55 4.57 -3.39
CA ILE B 407 22.82 5.26 -2.12
C ILE B 407 21.60 5.88 -1.42
N PRO B 408 21.16 5.26 -0.33
CA PRO B 408 20.06 5.81 0.46
C PRO B 408 20.44 7.19 0.98
N ARG B 409 19.45 8.05 1.20
CA ARG B 409 19.68 9.43 1.63
C ARG B 409 19.90 9.51 3.14
N ARG B 410 21.03 10.11 3.53
CA ARG B 410 21.36 10.46 4.91
C ARG B 410 21.70 9.27 5.79
N VAL B 411 21.99 8.11 5.19
CA VAL B 411 22.27 6.89 5.95
C VAL B 411 23.77 6.64 6.15
N TYR B 412 24.59 7.04 5.17
CA TYR B 412 26.01 6.68 5.15
C TYR B 412 26.93 7.89 5.12
N THR B 413 28.21 7.66 5.40
CA THR B 413 29.18 8.75 5.45
C THR B 413 30.20 8.56 4.31
N TYR B 414 31.15 9.50 4.14
CA TYR B 414 32.22 9.30 3.17
C TYR B 414 33.12 8.11 3.54
N ALA B 415 33.26 7.79 4.81
CA ALA B 415 34.05 6.60 5.19
C ALA B 415 33.38 5.30 4.72
N HIS B 416 32.04 5.24 4.75
CA HIS B 416 31.35 4.08 4.19
C HIS B 416 31.59 4.05 2.69
N MET B 417 31.55 5.21 2.03
CA MET B 417 31.87 5.28 0.60
C MET B 417 33.32 4.82 0.34
N ASP B 418 34.25 5.13 1.25
CA ASP B 418 35.61 4.55 1.13
C ASP B 418 35.61 3.03 1.24
N VAL B 419 34.88 2.46 2.21
CA VAL B 419 34.81 0.98 2.35
C VAL B 419 34.40 0.37 1.01
N VAL B 420 33.40 0.95 0.38
CA VAL B 420 32.87 0.48 -0.89
C VAL B 420 33.91 0.66 -2.00
N ALA B 421 34.40 1.87 -2.17
CA ALA B 421 35.40 2.13 -3.22
C ALA B 421 36.67 1.31 -3.05
N ASP B 422 37.23 1.30 -1.84
CA ASP B 422 38.50 0.60 -1.62
C ASP B 422 38.35 -0.87 -1.93
N GLY B 423 37.19 -1.44 -1.58
CA GLY B 423 36.97 -2.87 -1.79
C GLY B 423 36.84 -3.21 -3.27
N ILE B 424 36.17 -2.34 -4.02
CA ILE B 424 35.96 -2.55 -5.44
C ILE B 424 37.26 -2.32 -6.16
N ILE B 425 37.97 -1.28 -5.74
CA ILE B 425 39.30 -1.04 -6.30
C ILE B 425 40.24 -2.21 -6.08
N LYS B 426 40.23 -2.80 -4.89
CA LYS B 426 41.10 -3.95 -4.66
C LYS B 426 40.71 -5.16 -5.53
N LEU B 427 39.42 -5.39 -5.71
CA LEU B 427 38.99 -6.46 -6.61
C LEU B 427 39.43 -6.20 -8.05
N TYR B 428 39.34 -4.92 -8.45
CA TYR B 428 39.70 -4.53 -9.80
C TYR B 428 41.15 -4.89 -10.15
N GLN B 429 42.03 -4.82 -9.15
CA GLN B 429 43.44 -5.09 -9.35
C GLN B 429 43.76 -6.53 -9.66
N HIS B 430 42.89 -7.44 -9.24
N HIS B 430 42.87 -7.43 -9.29
CA HIS B 430 43.03 -8.83 -9.67
CA HIS B 430 43.04 -8.82 -9.66
C HIS B 430 41.70 -9.32 -10.22
C HIS B 430 41.71 -9.32 -10.24
N LYS B 431 41.08 -8.49 -11.08
CA LYS B 431 39.77 -8.78 -11.62
C LYS B 431 39.69 -10.11 -12.35
N GLU B 432 40.81 -10.55 -12.94
CA GLU B 432 40.86 -11.82 -13.63
C GLU B 432 40.55 -13.03 -12.73
N ASP B 433 40.66 -12.89 -11.41
CA ASP B 433 40.37 -14.03 -10.51
C ASP B 433 38.88 -14.21 -10.25
N ILE B 434 38.06 -13.26 -10.69
CA ILE B 434 36.62 -13.36 -10.44
C ILE B 434 36.02 -14.49 -11.28
N ARG B 435 35.26 -15.35 -10.62
CA ARG B 435 34.77 -16.57 -11.30
C ARG B 435 33.39 -16.38 -11.90
N GLY B 436 33.12 -17.09 -12.99
CA GLY B 436 31.76 -17.10 -13.56
C GLY B 436 30.79 -17.86 -12.67
N LEU B 437 29.49 -17.59 -12.85
CA LEU B 437 28.41 -18.28 -12.11
C LEU B 437 27.54 -19.09 -13.05
N LYS B 438 26.94 -20.15 -12.54
CA LYS B 438 25.93 -20.91 -13.26
C LYS B 438 24.71 -21.09 -12.34
N PHE B 439 23.53 -21.20 -12.93
CA PHE B 439 22.31 -21.47 -12.19
C PHE B 439 22.39 -22.86 -11.52
N ILE B 440 21.94 -22.97 -10.27
CA ILE B 440 21.62 -24.27 -9.69
C ILE B 440 20.11 -24.30 -9.33
N TYR B 441 19.47 -23.13 -9.26
CA TYR B 441 18.01 -23.04 -9.14
C TYR B 441 17.55 -21.79 -9.88
N GLU B 442 16.63 -21.92 -10.80
CA GLU B 442 16.13 -20.77 -11.54
C GLU B 442 14.60 -20.84 -11.61
N PRO B 443 13.90 -19.85 -11.04
CA PRO B 443 12.46 -19.92 -11.15
C PRO B 443 12.01 -19.42 -12.52
N LYS B 444 10.75 -19.64 -12.83
CA LYS B 444 10.20 -19.21 -14.11
C LYS B 444 10.08 -17.69 -14.22
N GLN B 445 9.75 -17.00 -13.14
CA GLN B 445 9.58 -15.56 -13.21
C GLN B 445 10.32 -14.89 -12.08
N LEU B 446 10.48 -13.58 -12.17
CA LEU B 446 11.20 -12.82 -11.15
C LEU B 446 12.51 -13.54 -10.75
N ARG B 447 13.25 -14.01 -11.74
CA ARG B 447 14.37 -14.90 -11.44
C ARG B 447 15.45 -14.20 -10.62
N PHE B 448 15.58 -12.89 -10.79
CA PHE B 448 16.61 -12.14 -10.04
C PHE B 448 16.38 -12.16 -8.51
N PHE B 449 15.14 -12.40 -8.10
CA PHE B 449 14.73 -12.30 -6.68
C PHE B 449 15.15 -13.54 -5.85
N THR B 450 15.05 -14.73 -6.45
CA THR B 450 15.24 -15.98 -5.72
C THR B 450 16.18 -17.05 -6.37
N ALA B 451 16.74 -16.75 -7.54
CA ALA B 451 17.62 -17.69 -8.23
C ALA B 451 18.87 -17.97 -7.37
N ARG B 452 19.37 -19.20 -7.44
CA ARG B 452 20.63 -19.55 -6.76
C ARG B 452 21.65 -20.03 -7.79
N PHE B 453 22.93 -19.80 -7.50
CA PHE B 453 24.02 -20.11 -8.40
C PHE B 453 25.13 -20.83 -7.67
N ASP B 454 26.09 -21.36 -8.44
CA ASP B 454 27.36 -21.82 -7.89
C ASP B 454 28.45 -21.38 -8.90
N TYR B 455 29.72 -21.41 -8.48
CA TYR B 455 30.83 -21.05 -9.35
C TYR B 455 30.99 -22.11 -10.44
N ILE B 456 31.43 -21.67 -11.60
CA ILE B 456 31.60 -22.59 -12.70
C ILE B 456 32.83 -23.43 -12.43
#